data_7BZW
#
_entry.id   7BZW
#
_cell.length_a   1.00
_cell.length_b   1.00
_cell.length_c   1.00
_cell.angle_alpha   90.00
_cell.angle_beta   90.00
_cell.angle_gamma   90.00
#
_symmetry.space_group_name_H-M   'P 1'
#
_entity_poly.entity_id   1
_entity_poly.type   'polypeptide(L)'
_entity_poly.pdbx_seq_one_letter_code
;MGSSHHHHHHSQDPNSENLYFQSAQDQRENSIDVVQQGQQKGNQGSSVEKRPQQRLTMDVSPFGLLDPLSPMRTMRQMLD
TMDRMFEDTMPVSGRNRGGSGVSEIRAPWDIKEEEHEIKMRFDMPGLSKEDVKISVEDNVLVIKGEQKKEDSDDSWSGRS
VSSYGTRLQLPDNCEKDKIKAELKNGVLFITIPKTKVERKVIDVQIQ
;
_entity_poly.pdbx_strand_id   1,2,3,4,5,6,7,8,9,10,11,12
#
# COMPACT_ATOMS: atom_id res chain seq x y z
N ALA A 107 -24.58 0.93 16.76
CA ALA A 107 -23.51 0.15 17.38
C ALA A 107 -23.93 -1.32 17.53
N PRO A 108 -23.07 -2.23 17.08
CA PRO A 108 -23.44 -3.65 17.03
C PRO A 108 -23.80 -4.29 18.37
N TRP A 109 -22.89 -4.30 19.34
CA TRP A 109 -23.11 -5.09 20.54
C TRP A 109 -22.48 -4.42 21.75
N ASP A 110 -22.85 -4.93 22.93
CA ASP A 110 -22.20 -4.61 24.18
C ASP A 110 -22.01 -5.89 24.97
N ILE A 111 -20.88 -6.00 25.66
CA ILE A 111 -20.55 -7.14 26.50
C ILE A 111 -19.77 -6.61 27.71
N LYS A 112 -20.34 -6.74 28.91
CA LYS A 112 -19.66 -6.14 30.04
C LYS A 112 -20.16 -6.68 31.37
N GLU A 113 -19.25 -6.69 32.34
CA GLU A 113 -19.57 -6.80 33.76
C GLU A 113 -20.22 -5.51 34.24
N GLU A 114 -21.50 -5.58 34.62
CA GLU A 114 -22.20 -4.44 35.19
C GLU A 114 -21.82 -4.30 36.66
N GLU A 115 -22.57 -3.49 37.40
CA GLU A 115 -22.28 -3.32 38.83
C GLU A 115 -22.44 -4.60 39.63
N HIS A 116 -23.22 -5.56 39.14
CA HIS A 116 -23.46 -6.78 39.90
C HIS A 116 -23.43 -8.08 39.10
N GLU A 117 -23.44 -8.06 37.77
CA GLU A 117 -23.63 -9.28 37.01
C GLU A 117 -22.86 -9.16 35.68
N ILE A 118 -23.17 -10.06 34.74
CA ILE A 118 -22.58 -10.05 33.41
C ILE A 118 -23.71 -9.87 32.40
N LYS A 119 -23.46 -9.08 31.35
CA LYS A 119 -24.51 -8.74 30.41
C LYS A 119 -24.00 -8.73 28.99
N MET A 120 -24.74 -9.38 28.09
CA MET A 120 -24.54 -9.26 26.65
C MET A 120 -25.75 -8.59 26.02
N ARG A 121 -25.52 -7.93 24.89
CA ARG A 121 -26.59 -7.33 24.11
C ARG A 121 -26.16 -7.26 22.66
N PHE A 122 -26.99 -7.78 21.77
CA PHE A 122 -26.79 -7.68 20.33
C PHE A 122 -28.16 -7.43 19.69
N ASP A 123 -28.21 -7.52 18.37
CA ASP A 123 -29.38 -7.05 17.65
C ASP A 123 -29.41 -7.67 16.27
N MET A 124 -30.62 -7.81 15.73
CA MET A 124 -30.77 -8.46 14.45
C MET A 124 -32.08 -8.04 13.79
N PRO A 125 -32.02 -7.41 12.64
CA PRO A 125 -33.25 -7.09 11.92
C PRO A 125 -34.03 -8.34 11.56
N GLY A 126 -35.35 -8.18 11.41
CA GLY A 126 -36.19 -9.28 10.97
C GLY A 126 -36.44 -10.33 12.01
N LEU A 127 -35.37 -10.89 12.57
CA LEU A 127 -35.47 -11.96 13.56
C LEU A 127 -36.44 -11.62 14.66
N SER A 128 -37.50 -12.41 14.77
CA SER A 128 -38.52 -12.28 15.80
C SER A 128 -38.31 -13.34 16.87
N LYS A 129 -39.29 -13.48 17.77
CA LYS A 129 -39.22 -14.37 18.91
C LYS A 129 -39.17 -15.85 18.55
N GLU A 130 -39.12 -16.19 17.27
CA GLU A 130 -39.22 -17.59 16.84
C GLU A 130 -37.85 -18.21 16.59
N ASP A 131 -37.02 -17.60 15.75
CA ASP A 131 -35.78 -18.22 15.29
C ASP A 131 -34.65 -18.12 16.30
N VAL A 132 -34.94 -17.84 17.55
CA VAL A 132 -33.91 -17.67 18.57
C VAL A 132 -33.75 -18.96 19.37
N LYS A 133 -32.50 -19.34 19.64
CA LYS A 133 -32.19 -20.45 20.52
C LYS A 133 -30.87 -20.17 21.20
N ILE A 134 -30.66 -20.76 22.37
CA ILE A 134 -29.36 -20.77 23.02
C ILE A 134 -29.05 -22.19 23.46
N SER A 135 -27.89 -22.35 24.08
CA SER A 135 -27.48 -23.63 24.62
C SER A 135 -26.39 -23.38 25.64
N VAL A 136 -26.42 -24.18 26.71
CA VAL A 136 -25.49 -24.03 27.81
C VAL A 136 -24.59 -25.27 27.86
N GLU A 137 -23.57 -25.19 28.70
CA GLU A 137 -22.58 -26.24 28.87
C GLU A 137 -22.14 -26.19 30.32
N ASP A 138 -21.02 -26.84 30.63
CA ASP A 138 -20.45 -26.70 31.97
C ASP A 138 -20.11 -25.24 32.25
N ASN A 139 -19.47 -24.57 31.30
CA ASN A 139 -19.21 -23.15 31.44
C ASN A 139 -19.38 -22.39 30.12
N VAL A 140 -19.81 -23.05 29.05
CA VAL A 140 -19.86 -22.46 27.71
C VAL A 140 -21.30 -22.13 27.36
N LEU A 141 -21.53 -20.88 26.96
CA LEU A 141 -22.80 -20.46 26.37
C LEU A 141 -22.63 -20.37 24.87
N VAL A 142 -23.67 -20.69 24.12
CA VAL A 142 -23.68 -20.50 22.69
C VAL A 142 -25.07 -20.02 22.27
N ILE A 143 -25.10 -19.15 21.28
CA ILE A 143 -26.34 -18.59 20.76
C ILE A 143 -26.51 -19.06 19.32
N LYS A 144 -27.73 -19.42 18.95
CA LYS A 144 -28.06 -19.87 17.60
C LYS A 144 -29.29 -19.11 17.15
N GLY A 145 -29.08 -18.08 16.34
CA GLY A 145 -30.16 -17.47 15.60
C GLY A 145 -30.00 -17.88 14.15
N GLU A 146 -31.10 -17.94 13.41
CA GLU A 146 -31.06 -18.37 12.02
C GLU A 146 -32.09 -17.56 11.27
N GLN A 147 -32.29 -17.90 10.00
CA GLN A 147 -33.16 -17.14 9.10
C GLN A 147 -34.45 -17.91 8.85
N LYS A 148 -35.51 -17.52 9.54
CA LYS A 148 -36.85 -17.94 9.20
C LYS A 148 -37.50 -16.96 8.22
N LYS A 149 -36.71 -16.25 7.44
CA LYS A 149 -37.24 -15.35 6.42
C LYS A 149 -37.60 -16.19 5.20
N GLU A 150 -38.34 -17.28 5.43
CA GLU A 150 -38.86 -18.12 4.36
C GLU A 150 -40.27 -18.61 4.68
N ASP A 151 -40.90 -18.08 5.72
CA ASP A 151 -42.18 -18.57 6.18
C ASP A 151 -43.35 -17.66 5.83
N SER A 152 -43.11 -16.41 5.45
CA SER A 152 -44.18 -15.54 4.99
C SER A 152 -44.32 -15.55 3.47
N ASP A 153 -43.29 -15.08 2.77
CA ASP A 153 -43.13 -15.18 1.32
C ASP A 153 -41.83 -14.46 1.00
N ASP A 154 -41.27 -14.77 -0.18
CA ASP A 154 -40.13 -13.97 -0.62
C ASP A 154 -40.61 -12.68 -1.27
N SER A 155 -41.22 -12.78 -2.46
CA SER A 155 -41.68 -11.64 -3.24
C SER A 155 -40.73 -10.45 -3.15
N TRP A 156 -39.42 -10.73 -3.20
CA TRP A 156 -38.45 -9.72 -2.82
C TRP A 156 -37.11 -10.02 -3.47
N SER A 157 -36.20 -9.07 -3.34
CA SER A 157 -34.80 -9.22 -3.72
C SER A 157 -33.87 -9.16 -2.52
N GLY A 158 -33.97 -8.12 -1.71
CA GLY A 158 -33.06 -7.91 -0.61
C GLY A 158 -33.37 -8.69 0.64
N ARG A 159 -33.74 -9.96 0.49
CA ARG A 159 -33.85 -10.84 1.64
C ARG A 159 -32.51 -10.93 2.35
N SER A 160 -32.52 -10.79 3.67
CA SER A 160 -31.30 -10.81 4.46
C SER A 160 -31.12 -12.19 5.07
N VAL A 161 -29.93 -12.77 4.88
CA VAL A 161 -29.55 -14.08 5.43
C VAL A 161 -28.08 -14.02 5.83
N SER A 162 -27.77 -14.44 7.04
CA SER A 162 -26.40 -14.44 7.54
C SER A 162 -26.28 -15.46 8.66
N SER A 163 -25.16 -15.43 9.38
CA SER A 163 -24.89 -16.33 10.48
C SER A 163 -24.93 -15.57 11.79
N TYR A 164 -25.53 -16.17 12.81
CA TYR A 164 -25.85 -15.44 14.03
C TYR A 164 -25.33 -16.12 15.30
N GLY A 165 -25.25 -17.45 15.30
CA GLY A 165 -24.74 -18.14 16.47
C GLY A 165 -23.32 -17.68 16.82
N THR A 166 -23.02 -17.72 18.13
CA THR A 166 -21.77 -17.17 18.62
C THR A 166 -21.47 -17.79 19.99
N ARG A 167 -20.19 -17.74 20.36
CA ARG A 167 -19.64 -18.35 21.57
C ARG A 167 -19.83 -17.46 22.79
N LEU A 168 -19.50 -18.03 23.95
CA LEU A 168 -19.24 -17.32 25.19
C LEU A 168 -18.71 -18.31 26.22
N GLN A 169 -17.87 -17.80 27.12
CA GLN A 169 -17.42 -18.55 28.28
C GLN A 169 -17.54 -17.66 29.51
N LEU A 170 -18.07 -18.23 30.58
CA LEU A 170 -18.13 -17.43 31.79
C LEU A 170 -16.95 -17.76 32.69
N PRO A 171 -16.47 -16.80 33.49
CA PRO A 171 -15.36 -17.09 34.43
C PRO A 171 -15.59 -18.35 35.26
N ASP A 172 -16.65 -18.37 36.04
CA ASP A 172 -17.07 -19.56 36.79
C ASP A 172 -18.17 -20.27 36.01
N ASN A 173 -18.31 -21.57 36.26
CA ASN A 173 -19.34 -22.36 35.58
C ASN A 173 -20.69 -21.66 35.66
N CYS A 174 -21.36 -21.59 34.52
CA CYS A 174 -22.55 -20.75 34.40
C CYS A 174 -23.67 -21.26 35.30
N GLU A 175 -24.02 -20.47 36.30
CA GLU A 175 -25.17 -20.76 37.13
C GLU A 175 -26.43 -20.59 36.28
N LYS A 176 -27.29 -21.60 36.30
CA LYS A 176 -28.28 -21.77 35.23
C LYS A 176 -29.65 -21.18 35.56
N ASP A 177 -30.07 -21.18 36.82
CA ASP A 177 -31.46 -20.88 37.13
C ASP A 177 -31.82 -19.44 36.77
N LYS A 178 -31.17 -18.47 37.41
CA LYS A 178 -31.54 -17.08 37.27
C LYS A 178 -31.10 -16.44 35.95
N ILE A 179 -30.56 -17.22 35.01
CA ILE A 179 -30.16 -16.67 33.72
C ILE A 179 -31.39 -16.15 32.99
N LYS A 180 -31.37 -14.87 32.63
CA LYS A 180 -32.49 -14.25 31.93
C LYS A 180 -32.03 -13.70 30.59
N ALA A 181 -32.99 -13.44 29.71
CA ALA A 181 -32.72 -12.90 28.38
C ALA A 181 -34.03 -12.42 27.79
N GLU A 182 -33.92 -11.58 26.77
CA GLU A 182 -35.13 -11.04 26.15
C GLU A 182 -34.81 -10.50 24.77
N LEU A 183 -35.85 -10.44 23.94
CA LEU A 183 -35.78 -9.92 22.58
C LEU A 183 -36.89 -8.89 22.37
N LYS A 184 -36.50 -7.72 21.85
CA LYS A 184 -37.48 -6.69 21.51
C LYS A 184 -36.91 -5.80 20.42
N ASN A 185 -37.77 -5.45 19.47
CA ASN A 185 -37.41 -4.58 18.35
C ASN A 185 -36.14 -5.05 17.65
N GLY A 186 -36.05 -6.37 17.46
CA GLY A 186 -34.88 -6.95 16.83
C GLY A 186 -33.61 -6.82 17.65
N VAL A 187 -33.72 -6.86 18.98
CA VAL A 187 -32.59 -6.66 19.87
C VAL A 187 -32.66 -7.74 20.95
N LEU A 188 -31.63 -8.57 21.04
CA LEU A 188 -31.53 -9.58 22.08
C LEU A 188 -30.57 -9.10 23.15
N PHE A 189 -30.79 -9.57 24.37
CA PHE A 189 -29.86 -9.26 25.44
C PHE A 189 -30.02 -10.28 26.56
N ILE A 190 -28.88 -10.69 27.12
CA ILE A 190 -28.82 -11.78 28.09
C ILE A 190 -28.16 -11.27 29.37
N THR A 191 -28.86 -11.43 30.49
CA THR A 191 -28.37 -11.07 31.81
C THR A 191 -28.05 -12.36 32.55
N ILE A 192 -26.88 -12.41 33.19
CA ILE A 192 -26.43 -13.64 33.84
C ILE A 192 -25.68 -13.28 35.12
N PRO A 193 -25.78 -14.14 36.13
CA PRO A 193 -25.20 -13.83 37.44
C PRO A 193 -23.68 -13.75 37.41
N LYS A 194 -23.15 -12.82 38.19
CA LYS A 194 -21.72 -12.74 38.42
C LYS A 194 -21.26 -13.87 39.34
N THR A 195 -19.95 -13.99 39.52
CA THR A 195 -19.32 -14.99 40.36
C THR A 195 -18.73 -14.30 41.60
N LYS A 196 -18.06 -15.08 42.44
CA LYS A 196 -17.65 -14.65 43.78
C LYS A 196 -16.14 -14.78 43.96
N VAL A 197 -15.39 -14.26 42.98
CA VAL A 197 -13.93 -14.33 42.94
C VAL A 197 -13.35 -13.44 44.04
N GLU A 198 -12.03 -13.53 44.25
CA GLU A 198 -11.27 -12.73 45.22
C GLU A 198 -11.62 -13.04 46.66
N ARG A 199 -11.36 -14.28 47.09
CA ARG A 199 -11.42 -14.66 48.49
C ARG A 199 -10.07 -14.54 49.20
N LYS A 200 -8.99 -14.32 48.45
CA LYS A 200 -7.65 -14.28 49.02
C LYS A 200 -6.70 -13.63 48.01
N VAL A 201 -5.71 -12.91 48.50
CA VAL A 201 -4.75 -12.22 47.64
C VAL A 201 -3.47 -11.94 48.43
N ILE A 202 -2.38 -11.72 47.71
CA ILE A 202 -1.10 -11.30 48.26
C ILE A 202 -0.51 -10.24 47.34
N ASP A 203 0.26 -9.32 47.91
CA ASP A 203 0.75 -8.14 47.21
C ASP A 203 2.28 -8.13 47.15
N VAL A 204 2.83 -7.02 46.66
CA VAL A 204 4.27 -6.89 46.48
C VAL A 204 5.03 -7.03 47.79
N GLN A 205 6.27 -7.49 47.68
CA GLN A 205 7.28 -7.42 48.72
C GLN A 205 8.61 -7.02 48.12
N ILE A 206 8.58 -6.01 47.24
CA ILE A 206 9.69 -5.64 46.36
C ILE A 206 10.96 -5.36 47.15
N GLN A 207 10.83 -5.03 48.43
CA GLN A 207 11.91 -4.61 49.31
C GLN A 207 13.00 -3.80 48.59
N ALA B 107 -8.58 27.27 5.18
CA ALA B 107 -9.70 26.46 4.68
C ALA B 107 -10.21 27.01 3.35
N PRO B 108 -10.34 26.11 2.36
CA PRO B 108 -10.65 26.55 0.99
C PRO B 108 -11.97 27.30 0.82
N TRP B 109 -13.10 26.69 1.17
CA TRP B 109 -14.39 27.29 0.82
C TRP B 109 -15.44 26.98 1.88
N ASP B 110 -16.56 27.68 1.77
CA ASP B 110 -17.77 27.38 2.52
C ASP B 110 -18.96 27.50 1.58
N ILE B 111 -19.93 26.62 1.74
CA ILE B 111 -21.16 26.61 0.96
C ILE B 111 -22.29 26.16 1.88
N LYS B 112 -23.25 27.04 2.13
CA LYS B 112 -24.27 26.65 3.11
C LYS B 112 -25.51 27.53 3.02
N GLU B 113 -26.64 26.92 3.38
CA GLU B 113 -27.86 27.63 3.73
C GLU B 113 -27.69 28.30 5.08
N GLU B 114 -27.71 29.63 5.11
CA GLU B 114 -27.64 30.38 6.35
C GLU B 114 -29.04 30.42 6.97
N GLU B 115 -29.23 31.28 7.96
CA GLU B 115 -30.54 31.38 8.61
C GLU B 115 -31.63 31.84 7.66
N HIS B 116 -31.28 32.52 6.56
CA HIS B 116 -32.31 33.04 5.67
C HIS B 116 -32.02 32.89 4.19
N GLU B 117 -30.81 32.53 3.76
CA GLU B 117 -30.47 32.57 2.35
C GLU B 117 -29.45 31.47 2.04
N ILE B 118 -28.81 31.56 0.87
CA ILE B 118 -27.77 30.64 0.46
C ILE B 118 -26.49 31.43 0.25
N LYS B 119 -25.36 30.85 0.65
CA LYS B 119 -24.10 31.59 0.62
C LYS B 119 -22.95 30.69 0.18
N MET B 120 -22.15 31.21 -0.75
CA MET B 120 -20.87 30.61 -1.11
C MET B 120 -19.74 31.55 -0.73
N ARG B 121 -18.58 30.98 -0.49
CA ARG B 121 -17.37 31.75 -0.21
C ARG B 121 -16.15 30.94 -0.60
N PHE B 122 -15.29 31.53 -1.43
CA PHE B 122 -14.02 30.94 -1.80
C PHE B 122 -12.97 32.05 -1.82
N ASP B 123 -11.80 31.75 -2.35
CA ASP B 123 -10.66 32.64 -2.18
C ASP B 123 -9.61 32.34 -3.23
N MET B 124 -8.85 33.35 -3.58
CA MET B 124 -7.85 33.19 -4.62
C MET B 124 -6.76 34.24 -4.49
N PRO B 125 -5.52 33.83 -4.27
CA PRO B 125 -4.41 34.80 -4.25
C PRO B 125 -4.30 35.52 -5.57
N GLY B 126 -3.75 36.73 -5.51
CA GLY B 126 -3.47 37.49 -6.71
C GLY B 126 -4.69 38.09 -7.37
N LEU B 127 -5.68 37.25 -7.68
CA LEU B 127 -6.89 37.68 -8.36
C LEU B 127 -7.49 38.91 -7.70
N SER B 128 -7.55 40.00 -8.45
CA SER B 128 -8.15 41.25 -8.01
C SER B 128 -9.53 41.42 -8.64
N LYS B 129 -10.10 42.61 -8.50
CA LYS B 129 -11.46 42.91 -8.95
C LYS B 129 -11.62 42.86 -10.47
N GLU B 130 -10.59 42.48 -11.23
CA GLU B 130 -10.64 42.55 -12.68
C GLU B 130 -11.01 41.21 -13.32
N ASP B 131 -10.27 40.14 -12.99
CA ASP B 131 -10.41 38.86 -13.68
C ASP B 131 -11.62 38.05 -13.23
N VAL B 132 -12.57 38.66 -12.55
CA VAL B 132 -13.72 37.94 -12.03
C VAL B 132 -14.91 38.09 -12.96
N LYS B 133 -15.62 36.98 -13.18
CA LYS B 133 -16.86 37.00 -13.94
C LYS B 133 -17.76 35.90 -13.40
N ILE B 134 -19.07 36.07 -13.57
CA ILE B 134 -20.02 35.00 -13.32
C ILE B 134 -20.97 34.91 -14.50
N SER B 135 -21.90 33.98 -14.41
CA SER B 135 -22.93 33.82 -15.42
C SER B 135 -24.08 33.03 -14.82
N VAL B 136 -25.30 33.41 -15.21
CA VAL B 136 -26.50 32.81 -14.68
C VAL B 136 -27.20 32.05 -15.80
N GLU B 137 -28.22 31.29 -15.41
CA GLU B 137 -28.98 30.45 -16.31
C GLU B 137 -30.41 30.43 -15.77
N ASP B 138 -31.21 29.47 -16.25
CA ASP B 138 -32.53 29.28 -15.65
C ASP B 138 -32.41 28.94 -14.17
N ASN B 139 -31.51 28.02 -13.84
CA ASN B 139 -31.23 27.72 -12.44
C ASN B 139 -29.75 27.47 -12.17
N VAL B 140 -28.89 27.64 -13.17
CA VAL B 140 -27.47 27.28 -13.05
C VAL B 140 -26.64 28.55 -12.90
N LEU B 141 -25.81 28.57 -11.87
CA LEU B 141 -24.79 29.59 -11.71
C LEU B 141 -23.44 29.01 -12.12
N VAL B 142 -22.59 29.84 -12.70
CA VAL B 142 -21.22 29.43 -13.01
C VAL B 142 -20.31 30.62 -12.73
N ILE B 143 -19.11 30.32 -12.24
CA ILE B 143 -18.11 31.33 -11.93
C ILE B 143 -16.92 31.13 -12.85
N LYS B 144 -16.37 32.23 -13.35
CA LYS B 144 -15.21 32.20 -14.23
C LYS B 144 -14.20 33.22 -13.71
N GLY B 145 -13.19 32.73 -13.00
CA GLY B 145 -12.02 33.51 -12.72
C GLY B 145 -10.89 32.99 -13.57
N GLU B 146 -9.94 33.85 -13.91
CA GLU B 146 -8.84 33.45 -14.77
C GLU B 146 -7.60 34.19 -14.30
N GLN B 147 -6.51 34.05 -15.05
CA GLN B 147 -5.22 34.59 -14.65
C GLN B 147 -4.87 35.80 -15.50
N LYS B 148 -5.08 36.99 -14.94
CA LYS B 148 -4.52 38.21 -15.49
C LYS B 148 -3.15 38.51 -14.92
N LYS B 149 -2.43 37.47 -14.48
CA LYS B 149 -1.06 37.66 -14.00
C LYS B 149 -0.13 37.72 -15.20
N GLU B 150 -0.50 38.56 -16.17
CA GLU B 150 0.34 38.82 -17.33
C GLU B 150 0.29 40.29 -17.73
N ASP B 151 -0.30 41.15 -16.90
CA ASP B 151 -0.52 42.55 -17.25
C ASP B 151 0.42 43.51 -16.55
N SER B 152 1.12 43.08 -15.50
CA SER B 152 2.11 43.93 -14.85
C SER B 152 3.51 43.65 -15.38
N ASP B 153 4.02 42.45 -15.14
CA ASP B 153 5.25 41.90 -15.70
C ASP B 153 5.41 40.51 -15.10
N ASP B 154 6.20 39.67 -15.77
CA ASP B 154 6.56 38.40 -15.13
C ASP B 154 7.70 38.61 -14.13
N SER B 155 8.91 38.86 -14.66
CA SER B 155 10.11 39.03 -13.85
C SER B 155 10.15 38.06 -12.68
N TRP B 156 9.75 36.81 -12.91
CA TRP B 156 9.45 35.91 -11.80
C TRP B 156 9.58 34.46 -12.26
N SER B 157 9.52 33.57 -11.29
CA SER B 157 9.42 32.13 -11.52
C SER B 157 8.09 31.56 -11.04
N GLY B 158 7.73 31.81 -9.79
CA GLY B 158 6.55 31.23 -9.19
C GLY B 158 5.25 31.92 -9.52
N ARG B 159 5.08 32.32 -10.78
CA ARG B 159 3.79 32.80 -11.23
C ARG B 159 2.74 31.70 -11.03
N SER B 160 1.60 32.07 -10.47
CA SER B 160 0.53 31.12 -10.19
C SER B 160 -0.52 31.20 -11.28
N VAL B 161 -0.88 30.04 -11.85
CA VAL B 161 -1.90 29.92 -12.88
C VAL B 161 -2.65 28.61 -12.65
N SER B 162 -3.98 28.69 -12.63
CA SER B 162 -4.81 27.50 -12.43
C SER B 162 -6.19 27.77 -13.01
N SER B 163 -7.14 26.88 -12.71
CA SER B 163 -8.51 26.97 -13.19
C SER B 163 -9.42 27.33 -12.03
N TYR B 164 -10.38 28.22 -12.27
CA TYR B 164 -11.15 28.82 -11.19
C TYR B 164 -12.65 28.71 -11.39
N GLY B 165 -13.12 28.72 -12.63
CA GLY B 165 -14.54 28.59 -12.88
C GLY B 165 -15.11 27.32 -12.29
N THR B 166 -16.38 27.38 -11.89
CA THR B 166 -17.00 26.27 -11.17
C THR B 166 -18.51 26.41 -11.28
N ARG B 167 -19.20 25.28 -11.07
CA ARG B 167 -20.64 25.11 -11.22
C ARG B 167 -21.39 25.57 -9.98
N LEU B 168 -22.72 25.61 -10.12
CA LEU B 168 -23.68 25.65 -9.03
C LEU B 168 -25.08 25.49 -9.60
N GLN B 169 -25.96 24.90 -8.80
CA GLN B 169 -27.38 24.83 -9.11
C GLN B 169 -28.17 25.23 -7.86
N LEU B 170 -29.18 26.08 -8.05
CA LEU B 170 -29.99 26.41 -6.90
C LEU B 170 -31.24 25.53 -6.87
N PRO B 171 -31.77 25.24 -5.69
CA PRO B 171 -33.02 24.46 -5.62
C PRO B 171 -34.13 24.97 -6.53
N ASP B 172 -34.54 26.22 -6.33
CA ASP B 172 -35.49 26.90 -7.20
C ASP B 172 -34.71 27.78 -8.16
N ASN B 173 -35.32 28.08 -9.31
CA ASN B 173 -34.69 28.92 -10.32
C ASN B 173 -34.15 30.19 -9.68
N CYS B 174 -32.90 30.52 -10.01
CA CYS B 174 -32.19 31.58 -9.30
C CYS B 174 -32.85 32.93 -9.51
N GLU B 175 -33.40 33.50 -8.44
CA GLU B 175 -33.92 34.86 -8.48
C GLU B 175 -32.74 35.80 -8.65
N LYS B 176 -32.84 36.71 -9.62
CA LYS B 176 -31.67 37.38 -10.15
C LYS B 176 -31.38 38.74 -9.54
N ASP B 177 -32.41 39.48 -9.14
CA ASP B 177 -32.20 40.88 -8.78
C ASP B 177 -31.31 41.03 -7.56
N LYS B 178 -31.74 40.52 -6.41
CA LYS B 178 -31.06 40.75 -5.14
C LYS B 178 -29.78 39.92 -4.98
N ILE B 179 -29.33 39.21 -6.02
CA ILE B 179 -28.10 38.42 -5.91
C ILE B 179 -26.93 39.37 -5.70
N LYS B 180 -26.18 39.17 -4.62
CA LYS B 180 -25.04 40.01 -4.31
C LYS B 180 -23.78 39.16 -4.22
N ALA B 181 -22.64 39.83 -4.30
CA ALA B 181 -21.34 39.17 -4.21
C ALA B 181 -20.28 40.24 -4.01
N GLU B 182 -19.11 39.80 -3.56
CA GLU B 182 -18.03 40.75 -3.29
C GLU B 182 -16.70 40.03 -3.23
N LEU B 183 -15.64 40.80 -3.47
CA LEU B 183 -14.26 40.33 -3.45
C LEU B 183 -13.43 41.25 -2.58
N LYS B 184 -12.68 40.68 -1.63
CA LYS B 184 -11.77 41.45 -0.82
C LYS B 184 -10.65 40.55 -0.31
N ASN B 185 -9.43 41.08 -0.32
CA ASN B 185 -8.23 40.38 0.13
C ASN B 185 -8.12 39.00 -0.51
N GLY B 186 -8.41 38.95 -1.80
CA GLY B 186 -8.36 37.69 -2.52
C GLY B 186 -9.41 36.70 -2.10
N VAL B 187 -10.59 37.16 -1.70
CA VAL B 187 -11.65 36.31 -1.19
C VAL B 187 -12.96 36.68 -1.85
N LEU B 188 -13.56 35.73 -2.55
CA LEU B 188 -14.87 35.93 -3.16
C LEU B 188 -15.97 35.34 -2.30
N PHE B 189 -17.15 35.94 -2.38
CA PHE B 189 -18.30 35.38 -1.68
C PHE B 189 -19.59 35.91 -2.27
N ILE B 190 -20.55 35.00 -2.44
CA ILE B 190 -21.80 35.28 -3.14
C ILE B 190 -22.97 34.96 -2.21
N THR B 191 -23.83 35.95 -2.01
CA THR B 191 -25.05 35.83 -1.22
C THR B 191 -26.23 35.80 -2.18
N ILE B 192 -27.14 34.86 -1.97
CA ILE B 192 -28.27 34.68 -2.89
C ILE B 192 -29.51 34.28 -2.12
N PRO B 193 -30.68 34.71 -2.61
CA PRO B 193 -31.92 34.50 -1.85
C PRO B 193 -32.30 33.03 -1.74
N LYS B 194 -32.85 32.67 -0.58
CA LYS B 194 -33.42 31.35 -0.38
C LYS B 194 -34.75 31.25 -1.13
N THR B 195 -35.31 30.05 -1.13
CA THR B 195 -36.58 29.75 -1.79
C THR B 195 -37.64 29.47 -0.71
N LYS B 196 -38.83 29.10 -1.13
CA LYS B 196 -40.02 29.05 -0.28
C LYS B 196 -40.64 27.66 -0.29
N VAL B 197 -39.80 26.64 -0.10
CA VAL B 197 -40.20 25.23 -0.13
C VAL B 197 -41.06 24.91 1.09
N GLU B 198 -41.65 23.71 1.12
CA GLU B 198 -42.47 23.20 2.22
C GLU B 198 -43.78 23.95 2.39
N ARG B 199 -44.64 23.90 1.37
CA ARG B 199 -46.02 24.36 1.48
C ARG B 199 -47.00 23.26 1.86
N LYS B 200 -46.55 22.00 1.86
CA LYS B 200 -47.43 20.86 2.14
C LYS B 200 -46.56 19.63 2.43
N VAL B 201 -47.05 18.77 3.31
CA VAL B 201 -46.31 17.58 3.70
C VAL B 201 -47.29 16.55 4.27
N ILE B 202 -46.88 15.27 4.27
CA ILE B 202 -47.60 14.17 4.89
C ILE B 202 -46.58 13.29 5.59
N ASP B 203 -47.01 12.65 6.67
CA ASP B 203 -46.13 11.91 7.57
C ASP B 203 -46.50 10.42 7.60
N VAL B 204 -45.85 9.69 8.52
CA VAL B 204 -46.04 8.25 8.62
C VAL B 204 -47.49 7.89 8.95
N GLN B 205 -47.89 6.70 8.50
CA GLN B 205 -49.10 6.01 8.96
C GLN B 205 -48.78 4.54 9.18
N ILE B 206 -47.65 4.27 9.83
CA ILE B 206 -47.05 2.93 9.91
C ILE B 206 -48.02 1.91 10.48
N GLN B 207 -49.03 2.37 11.21
CA GLN B 207 -49.99 1.53 11.95
C GLN B 207 -49.39 0.25 12.50
N ALA C 107 6.72 8.16 27.18
CA ALA C 107 7.22 9.14 26.21
C ALA C 107 8.75 9.23 26.28
N PRO C 108 9.39 9.13 25.11
CA PRO C 108 10.86 9.04 25.08
C PRO C 108 11.61 10.22 25.68
N TRP C 109 11.41 11.43 25.16
CA TRP C 109 12.27 12.55 25.56
C TRP C 109 11.50 13.86 25.55
N ASP C 110 12.13 14.88 26.13
CA ASP C 110 11.69 16.26 26.03
C ASP C 110 12.91 17.13 25.78
N ILE C 111 12.74 18.15 24.95
CA ILE C 111 13.78 19.12 24.64
C ILE C 111 13.12 20.47 24.45
N LYS C 112 13.43 21.43 25.33
CA LYS C 112 12.70 22.69 25.22
C LYS C 112 13.39 23.82 25.98
N GLU C 113 13.19 25.03 25.45
CA GLU C 113 13.43 26.27 26.18
C GLU C 113 12.37 26.45 27.25
N GLU C 114 12.77 26.41 28.52
CA GLU C 114 11.86 26.66 29.63
C GLU C 114 11.69 28.16 29.78
N GLU C 115 11.12 28.58 30.92
CA GLU C 115 10.92 30.00 31.16
C GLU C 115 12.23 30.78 31.24
N HIS C 116 13.34 30.11 31.55
CA HIS C 116 14.60 30.83 31.72
C HIS C 116 15.82 30.16 31.11
N GLU C 117 15.75 28.90 30.70
CA GLU C 117 16.96 28.17 30.31
C GLU C 117 16.61 27.17 29.21
N ILE C 118 17.53 26.23 28.95
CA ILE C 118 17.32 25.15 27.99
C ILE C 118 17.41 23.83 28.74
N LYS C 119 16.55 22.87 28.37
CA LYS C 119 16.47 21.62 29.11
C LYS C 119 16.28 20.44 28.18
N MET C 120 17.07 19.40 28.41
CA MET C 120 16.85 18.10 27.80
C MET C 120 16.49 17.07 28.86
N ARG C 121 15.77 16.04 28.44
CA ARG C 121 15.43 14.93 29.32
C ARG C 121 15.21 13.69 28.48
N PHE C 122 15.91 12.61 28.81
CA PHE C 122 15.71 11.31 28.20
C PHE C 122 15.80 10.25 29.29
N ASP C 123 15.86 8.99 28.89
CA ASP C 123 15.68 7.91 29.84
C ASP C 123 16.24 6.63 29.27
N MET C 124 16.67 5.74 30.17
CA MET C 124 17.30 4.51 29.71
C MET C 124 17.21 3.46 30.81
N PRO C 125 16.54 2.33 30.54
CA PRO C 125 16.53 1.24 31.52
C PRO C 125 17.92 0.73 31.79
N GLY C 126 18.10 0.16 32.98
CA GLY C 126 19.35 -0.47 33.33
C GLY C 126 20.47 0.50 33.64
N LEU C 127 20.76 1.39 32.70
CA LEU C 127 21.85 2.36 32.83
C LEU C 127 21.80 3.07 34.18
N SER C 128 22.84 2.87 34.97
CA SER C 128 23.01 3.51 36.27
C SER C 128 24.01 4.64 36.16
N LYS C 129 24.41 5.19 37.31
CA LYS C 129 25.29 6.35 37.39
C LYS C 129 26.70 6.09 36.85
N GLU C 130 26.99 4.91 36.31
CA GLU C 130 28.35 4.55 35.90
C GLU C 130 28.60 4.79 34.42
N ASP C 131 27.76 4.24 33.55
CA ASP C 131 28.02 4.23 32.11
C ASP C 131 27.68 5.55 31.43
N VAL C 132 27.53 6.62 32.17
CA VAL C 132 27.13 7.90 31.60
C VAL C 132 28.35 8.78 31.40
N LYS C 133 28.40 9.45 30.25
CA LYS C 133 29.43 10.45 29.97
C LYS C 133 28.85 11.50 29.05
N ILE C 134 29.41 12.70 29.10
CA ILE C 134 29.10 13.74 28.12
C ILE C 134 30.40 14.32 27.62
N SER C 135 30.28 15.29 26.72
CA SER C 135 31.43 16.00 26.20
C SER C 135 30.95 17.31 25.60
N VAL C 136 31.75 18.35 25.77
CA VAL C 136 31.41 19.69 25.32
C VAL C 136 32.37 20.09 24.21
N GLU C 137 32.06 21.20 23.57
CA GLU C 137 32.84 21.74 22.45
C GLU C 137 32.73 23.26 22.54
N ASP C 138 33.07 23.93 21.45
CA ASP C 138 32.84 25.37 21.40
C ASP C 138 31.35 25.68 21.55
N ASN C 139 30.50 24.94 20.82
CA ASN C 139 29.06 25.08 20.99
C ASN C 139 28.33 23.73 20.91
N VAL C 140 29.05 22.62 20.78
CA VAL C 140 28.46 21.31 20.55
C VAL C 140 28.49 20.51 21.83
N LEU C 141 27.33 19.98 22.23
CA LEU C 141 27.23 18.99 23.29
C LEU C 141 27.04 17.63 22.68
N VAL C 142 27.60 16.60 23.31
CA VAL C 142 27.37 15.22 22.90
C VAL C 142 27.25 14.37 24.15
N ILE C 143 26.39 13.36 24.08
CA ILE C 143 26.14 12.44 25.18
C ILE C 143 26.59 11.06 24.75
N LYS C 144 27.25 10.35 25.66
CA LYS C 144 27.72 8.99 25.40
C LYS C 144 27.30 8.12 26.58
N GLY C 145 26.22 7.37 26.38
CA GLY C 145 25.88 6.28 27.26
C GLY C 145 26.19 4.99 26.56
N GLU C 146 26.51 3.95 27.30
CA GLU C 146 26.87 2.66 26.70
C GLU C 146 26.32 1.57 27.61
N GLN C 147 26.67 0.32 27.29
CA GLN C 147 26.12 -0.83 27.99
C GLN C 147 27.18 -1.45 28.88
N LYS C 148 27.11 -1.16 30.17
CA LYS C 148 27.85 -1.89 31.18
C LYS C 148 27.04 -3.07 31.72
N LYS C 149 26.11 -3.60 30.90
CA LYS C 149 25.36 -4.79 31.29
C LYS C 149 26.22 -6.01 31.02
N GLU C 150 27.46 -5.97 31.49
CA GLU C 150 28.38 -7.10 31.41
C GLU C 150 29.21 -7.22 32.67
N ASP C 151 28.90 -6.47 33.72
CA ASP C 151 29.73 -6.42 34.91
C ASP C 151 29.13 -7.18 36.10
N SER C 152 27.85 -7.53 36.06
CA SER C 152 27.27 -8.35 37.12
C SER C 152 27.27 -9.83 36.74
N ASP C 153 26.52 -10.19 35.70
CA ASP C 153 26.53 -11.50 35.06
C ASP C 153 25.50 -11.44 33.95
N ASP C 154 25.62 -12.34 32.98
CA ASP C 154 24.54 -12.44 31.99
C ASP C 154 23.39 -13.29 32.55
N SER C 155 23.61 -14.59 32.68
CA SER C 155 22.60 -15.54 33.15
C SER C 155 21.22 -15.21 32.60
N TRP C 156 21.15 -14.83 31.33
CA TRP C 156 19.94 -14.20 30.82
C TRP C 156 19.87 -14.39 29.31
N SER C 157 18.71 -14.01 28.76
CA SER C 157 18.50 -13.92 27.32
C SER C 157 18.24 -12.49 26.88
N GLY C 158 17.28 -11.82 27.49
CA GLY C 158 16.88 -10.49 27.07
C GLY C 158 17.75 -9.37 27.57
N ARG C 159 19.07 -9.56 27.53
CA ARG C 159 19.99 -8.46 27.79
C ARG C 159 19.75 -7.36 26.77
N SER C 160 19.66 -6.12 27.24
CA SER C 160 19.39 -4.98 26.38
C SER C 160 20.71 -4.27 26.06
N VAL C 161 20.95 -4.03 24.77
CA VAL C 161 22.13 -3.32 24.27
C VAL C 161 21.70 -2.48 23.08
N SER C 162 22.08 -1.20 23.09
CA SER C 162 21.75 -0.30 21.99
C SER C 162 22.74 0.86 22.00
N SER C 163 22.44 1.89 21.21
CA SER C 163 23.28 3.07 21.08
C SER C 163 22.59 4.26 21.75
N TYR C 164 23.36 5.07 22.47
CA TYR C 164 22.78 6.07 23.35
C TYR C 164 23.33 7.47 23.11
N GLY C 165 24.59 7.57 22.70
CA GLY C 165 25.17 8.89 22.44
C GLY C 165 24.38 9.64 21.39
N THR C 166 24.38 10.97 21.51
CA THR C 166 23.55 11.82 20.67
C THR C 166 24.11 13.24 20.69
N ARG C 167 23.74 14.00 19.66
CA ARG C 167 24.23 15.34 19.39
C ARG C 167 23.45 16.40 20.18
N LEU C 168 23.96 17.62 20.12
CA LEU C 168 23.24 18.85 20.45
C LEU C 168 24.10 20.05 20.06
N GLN C 169 23.42 21.14 19.71
CA GLN C 169 24.07 22.43 19.48
C GLN C 169 23.28 23.49 20.22
N LEU C 170 24.01 24.37 20.90
CA LEU C 170 23.29 25.46 21.56
C LEU C 170 23.32 26.70 20.68
N PRO C 171 22.30 27.56 20.74
CA PRO C 171 22.32 28.81 19.97
C PRO C 171 23.62 29.60 20.12
N ASP C 172 23.94 30.00 21.35
CA ASP C 172 25.21 30.63 21.67
C ASP C 172 26.15 29.58 22.24
N ASN C 173 27.46 29.84 22.13
CA ASN C 173 28.46 28.92 22.64
C ASN C 173 28.14 28.52 24.07
N CYS C 174 28.20 27.22 24.33
CA CYS C 174 27.70 26.68 25.60
C CYS C 174 28.50 27.20 26.78
N GLU C 175 27.85 27.99 27.62
CA GLU C 175 28.46 28.42 28.87
C GLU C 175 28.59 27.21 29.78
N LYS C 176 29.79 26.99 30.32
CA LYS C 176 30.16 25.69 30.83
C LYS C 176 29.96 25.52 32.34
N ASP C 177 30.11 26.58 33.13
CA ASP C 177 30.18 26.42 34.58
C ASP C 177 28.87 25.88 35.14
N LYS C 178 27.79 26.64 35.00
CA LYS C 178 26.52 26.32 35.65
C LYS C 178 25.76 25.17 34.98
N ILE C 179 26.34 24.49 34.00
CA ILE C 179 25.66 23.37 33.34
C ILE C 179 25.46 22.26 34.36
N LYS C 180 24.21 21.86 34.55
CA LYS C 180 23.88 20.80 35.49
C LYS C 180 23.18 19.65 34.77
N ALA C 181 23.15 18.50 35.44
CA ALA C 181 22.52 17.31 34.90
C ALA C 181 22.37 16.30 36.02
N GLU C 182 21.50 15.32 35.80
CA GLU C 182 21.27 14.32 36.84
C GLU C 182 20.62 13.08 36.23
N LEU C 183 20.80 11.97 36.94
CA LEU C 183 20.25 10.66 36.57
C LEU C 183 19.52 10.06 37.75
N LYS C 184 18.28 9.63 37.53
CA LYS C 184 17.53 8.93 38.57
C LYS C 184 16.48 8.05 37.94
N ASN C 185 16.33 6.84 38.49
CA ASN C 185 15.36 5.86 38.02
C ASN C 185 15.48 5.63 36.51
N GLY C 186 16.72 5.55 36.04
CA GLY C 186 16.95 5.37 34.62
C GLY C 186 16.54 6.54 33.77
N VAL C 187 16.64 7.76 34.28
CA VAL C 187 16.20 8.96 33.59
C VAL C 187 17.28 10.03 33.67
N LEU C 188 17.79 10.45 32.52
CA LEU C 188 18.76 11.53 32.46
C LEU C 188 18.09 12.85 32.12
N PHE C 189 18.68 13.93 32.61
CA PHE C 189 18.18 15.25 32.25
C PHE C 189 19.24 16.30 32.51
N ILE C 190 19.37 17.22 31.54
CA ILE C 190 20.42 18.22 31.53
C ILE C 190 19.81 19.61 31.48
N THR C 191 20.17 20.45 32.43
CA THR C 191 19.75 21.84 32.50
C THR C 191 20.94 22.71 32.13
N ILE C 192 20.70 23.69 31.26
CA ILE C 192 21.79 24.53 30.74
C ILE C 192 21.30 25.95 30.55
N PRO C 193 22.20 26.92 30.76
CA PRO C 193 21.78 28.33 30.73
C PRO C 193 21.32 28.80 29.36
N LYS C 194 20.30 29.65 29.36
CA LYS C 194 19.86 30.32 28.14
C LYS C 194 20.87 31.40 27.76
N THR C 195 20.66 31.98 26.59
CA THR C 195 21.49 33.04 26.03
C THR C 195 20.72 34.36 26.08
N LYS C 196 21.32 35.42 25.53
CA LYS C 196 20.84 36.79 25.70
C LYS C 196 20.59 37.45 24.34
N VAL C 197 19.86 36.75 23.48
CA VAL C 197 19.56 37.17 22.11
C VAL C 197 18.58 38.34 22.17
N GLU C 198 18.33 38.98 21.00
CA GLU C 198 17.40 40.09 20.84
C GLU C 198 17.84 41.36 21.54
N ARG C 199 18.98 41.91 21.13
CA ARG C 199 19.40 43.24 21.54
C ARG C 199 18.97 44.33 20.56
N LYS C 200 18.46 43.97 19.39
CA LYS C 200 18.09 44.94 18.37
C LYS C 200 17.20 44.25 17.34
N VAL C 201 16.26 45.00 16.77
CA VAL C 201 15.32 44.45 15.79
C VAL C 201 14.75 45.59 14.96
N ILE C 202 14.23 45.25 13.77
CA ILE C 202 13.52 46.15 12.89
C ILE C 202 12.32 45.41 12.32
N ASP C 203 11.24 46.15 12.04
CA ASP C 203 9.96 45.59 11.65
C ASP C 203 9.56 46.01 10.24
N VAL C 204 8.33 45.67 9.87
CA VAL C 204 7.83 45.95 8.52
C VAL C 204 7.81 47.45 8.23
N GLN C 205 7.94 47.77 6.95
CA GLN C 205 7.65 49.07 6.38
C GLN C 205 6.90 48.90 5.07
N ILE C 206 5.91 48.00 5.07
CA ILE C 206 5.24 47.52 3.86
C ILE C 206 4.67 48.65 3.02
N GLN C 207 4.43 49.80 3.65
CA GLN C 207 3.75 50.96 3.05
C GLN C 207 2.69 50.59 2.03
N ALA D 107 -0.33 28.58 -6.97
CA ALA D 107 0.97 28.17 -6.45
C ALA D 107 1.28 28.90 -5.14
N PRO D 108 1.67 28.13 -4.11
CA PRO D 108 1.83 28.71 -2.78
C PRO D 108 2.87 29.82 -2.66
N TRP D 109 4.13 29.56 -2.97
CA TRP D 109 5.19 30.52 -2.68
C TRP D 109 6.29 30.48 -3.73
N ASP D 110 7.15 31.49 -3.67
CA ASP D 110 8.40 31.52 -4.42
C ASP D 110 9.50 32.03 -3.49
N ILE D 111 10.68 31.45 -3.61
CA ILE D 111 11.86 31.85 -2.84
C ILE D 111 13.08 31.70 -3.75
N LYS D 112 13.74 32.81 -4.07
CA LYS D 112 14.83 32.70 -5.03
C LYS D 112 15.75 33.90 -5.00
N GLU D 113 17.02 33.64 -5.33
CA GLU D 113 17.98 34.65 -5.72
C GLU D 113 17.63 35.16 -7.12
N GLU D 114 17.26 36.44 -7.20
CA GLU D 114 16.98 37.07 -8.49
C GLU D 114 18.31 37.48 -9.12
N GLU D 115 18.24 38.32 -10.16
CA GLU D 115 19.46 38.76 -10.83
C GLU D 115 20.37 39.58 -9.91
N HIS D 116 19.84 40.17 -8.84
CA HIS D 116 20.66 41.02 -7.99
C HIS D 116 20.42 40.87 -6.49
N GLU D 117 19.37 40.18 -6.04
CA GLU D 117 19.02 40.20 -4.62
C GLU D 117 18.37 38.87 -4.26
N ILE D 118 17.73 38.83 -3.10
CA ILE D 118 17.00 37.65 -2.61
C ILE D 118 15.53 38.05 -2.45
N LYS D 119 14.62 37.14 -2.80
CA LYS D 119 13.21 37.48 -2.79
C LYS D 119 12.38 36.31 -2.29
N MET D 120 11.45 36.62 -1.38
CA MET D 120 10.39 35.69 -0.99
C MET D 120 9.05 36.25 -1.40
N ARG D 121 8.09 35.34 -1.60
CA ARG D 121 6.73 35.71 -1.91
C ARG D 121 5.80 34.60 -1.46
N PHE D 122 4.80 34.96 -0.66
CA PHE D 122 3.74 34.04 -0.25
C PHE D 122 2.42 34.79 -0.27
N ASP D 123 1.38 34.19 0.29
CA ASP D 123 0.04 34.70 0.08
C ASP D 123 -0.88 34.15 1.15
N MET D 124 -1.92 34.92 1.46
CA MET D 124 -2.83 34.52 2.52
C MET D 124 -4.17 35.20 2.34
N PRO D 125 -5.24 34.43 2.17
CA PRO D 125 -6.58 35.03 2.10
C PRO D 125 -6.91 35.76 3.39
N GLY D 126 -7.79 36.74 3.27
CA GLY D 126 -8.29 37.45 4.44
C GLY D 126 -7.30 38.42 5.05
N LEU D 127 -6.12 37.92 5.39
CA LEU D 127 -5.09 38.72 6.03
C LEU D 127 -4.86 40.03 5.31
N SER D 128 -5.13 41.13 6.00
CA SER D 128 -4.93 42.48 5.49
C SER D 128 -3.66 43.07 6.10
N LYS D 129 -3.45 44.37 5.89
CA LYS D 129 -2.25 45.08 6.32
C LYS D 129 -2.08 45.16 7.84
N GLU D 130 -2.96 44.53 8.62
CA GLU D 130 -2.94 44.69 10.07
C GLU D 130 -2.21 43.55 10.77
N ASP D 131 -2.59 42.31 10.50
CA ASP D 131 -2.10 41.16 11.26
C ASP D 131 -0.71 40.71 10.84
N VAL D 132 0.04 41.54 10.12
CA VAL D 132 1.35 41.15 9.62
C VAL D 132 2.43 41.70 10.53
N LYS D 133 3.44 40.87 10.81
CA LYS D 133 4.62 41.29 11.54
C LYS D 133 5.80 40.46 11.06
N ILE D 134 7.01 41.01 11.21
CA ILE D 134 8.23 40.26 10.99
C ILE D 134 9.16 40.52 12.17
N SER D 135 10.32 39.88 12.12
CA SER D 135 11.35 40.09 13.13
C SER D 135 12.68 39.65 12.55
N VAL D 136 13.73 40.39 12.92
CA VAL D 136 15.05 40.14 12.39
C VAL D 136 15.94 39.68 13.55
N GLU D 137 17.14 39.23 13.19
CA GLU D 137 18.12 38.71 14.13
C GLU D 137 19.50 39.07 13.58
N ASP D 138 20.54 38.42 14.09
CA ASP D 138 21.86 38.60 13.50
C ASP D 138 21.85 38.16 12.04
N ASN D 139 21.26 36.99 11.76
CA ASN D 139 21.08 36.55 10.37
C ASN D 139 19.75 35.86 10.14
N VAL D 140 18.86 35.82 11.13
CA VAL D 140 17.62 35.06 11.05
C VAL D 140 16.46 36.02 10.84
N LEU D 141 15.65 35.75 9.82
CA LEU D 141 14.38 36.42 9.62
C LEU D 141 13.26 35.48 10.06
N VAL D 142 12.20 36.05 10.62
CA VAL D 142 11.01 35.28 10.95
C VAL D 142 9.78 36.13 10.63
N ILE D 143 8.74 35.48 10.16
CA ILE D 143 7.48 36.13 9.81
C ILE D 143 6.40 35.64 10.76
N LYS D 144 5.55 36.55 11.20
CA LYS D 144 4.44 36.22 12.10
C LYS D 144 3.19 36.87 11.53
N GLY D 145 2.37 36.08 10.87
CA GLY D 145 1.02 36.46 10.54
C GLY D 145 0.09 35.68 11.44
N GLU D 146 -1.08 36.23 11.74
CA GLU D 146 -2.01 35.58 12.64
C GLU D 146 -3.42 35.90 12.13
N GLN D 147 -4.41 35.49 12.90
CA GLN D 147 -5.81 35.60 12.49
C GLN D 147 -6.50 36.70 13.29
N LYS D 148 -6.64 37.86 12.66
CA LYS D 148 -7.54 38.89 13.16
C LYS D 148 -8.94 38.75 12.57
N LYS D 149 -9.33 37.53 12.20
CA LYS D 149 -10.68 37.28 11.72
C LYS D 149 -11.60 37.13 12.93
N GLU D 150 -11.50 38.09 13.85
CA GLU D 150 -12.38 38.15 15.01
C GLU D 150 -12.76 39.59 15.33
N ASP D 151 -12.45 40.54 14.45
CA ASP D 151 -12.64 41.95 14.73
C ASP D 151 -13.82 42.56 13.99
N SER D 152 -14.36 41.90 12.96
CA SER D 152 -15.55 42.39 12.29
C SER D 152 -16.82 41.73 12.84
N ASP D 153 -16.95 40.41 12.67
CA ASP D 153 -17.96 39.57 13.27
C ASP D 153 -17.71 38.16 12.75
N ASP D 154 -18.23 37.16 13.45
CA ASP D 154 -18.19 35.82 12.89
C ASP D 154 -19.33 35.63 11.90
N SER D 155 -20.56 35.54 12.42
CA SER D 155 -21.76 35.31 11.61
C SER D 155 -21.50 34.30 10.50
N TRP D 156 -20.75 33.25 10.79
CA TRP D 156 -20.21 32.42 9.72
C TRP D 156 -19.90 31.02 10.25
N SER D 157 -19.57 30.13 9.33
CA SER D 157 -19.06 28.81 9.63
C SER D 157 -17.63 28.62 9.16
N GLY D 158 -17.36 28.90 7.90
CA GLY D 158 -16.05 28.66 7.33
C GLY D 158 -15.02 29.73 7.61
N ARG D 159 -14.97 30.22 8.84
CA ARG D 159 -13.87 31.08 9.25
C ARG D 159 -12.55 30.33 9.11
N SER D 160 -11.56 30.98 8.50
CA SER D 160 -10.26 30.37 8.27
C SER D 160 -9.29 30.82 9.34
N VAL D 161 -8.62 29.85 9.96
CA VAL D 161 -7.61 30.07 11.00
C VAL D 161 -6.51 29.04 10.82
N SER D 162 -5.25 29.50 10.79
CA SER D 162 -4.11 28.60 10.64
C SER D 162 -2.87 29.28 11.19
N SER D 163 -1.70 28.70 10.92
CA SER D 163 -0.43 29.22 11.39
C SER D 163 0.36 29.76 10.20
N TYR D 164 1.00 30.91 10.39
CA TYR D 164 1.57 31.66 9.27
C TYR D 164 3.04 31.99 9.46
N GLY D 165 3.48 32.20 10.70
CA GLY D 165 4.87 32.52 10.93
C GLY D 165 5.80 31.43 10.41
N THR D 166 7.00 31.84 9.99
CA THR D 166 7.91 30.94 9.31
C THR D 166 9.33 31.51 9.42
N ARG D 167 10.30 30.63 9.25
CA ARG D 167 11.73 30.89 9.40
C ARG D 167 12.33 31.50 8.12
N LEU D 168 13.58 31.93 8.26
CA LEU D 168 14.50 32.19 7.15
C LEU D 168 15.88 32.48 7.71
N GLN D 169 16.90 32.13 6.94
CA GLN D 169 18.27 32.50 7.24
C GLN D 169 18.92 33.04 5.97
N LEU D 170 19.63 34.15 6.11
CA LEU D 170 20.31 34.66 4.93
C LEU D 170 21.76 34.18 4.93
N PRO D 171 22.37 33.99 3.75
CA PRO D 171 23.80 33.61 3.71
C PRO D 171 24.70 34.47 4.59
N ASP D 172 24.73 35.78 4.32
CA ASP D 172 25.43 36.74 5.16
C ASP D 172 24.42 37.42 6.08
N ASN D 173 24.91 37.92 7.20
CA ASN D 173 24.05 38.61 8.16
C ASN D 173 23.16 39.63 7.47
N CYS D 174 21.88 39.59 7.79
CA CYS D 174 20.89 40.36 7.04
C CYS D 174 21.13 41.85 7.18
N GLU D 175 21.49 42.50 6.07
CA GLU D 175 21.59 43.94 6.04
C GLU D 175 20.19 44.52 6.16
N LYS D 176 20.02 45.45 7.08
CA LYS D 176 18.69 45.78 7.60
C LYS D 176 18.02 46.96 6.92
N ASP D 177 18.78 47.96 6.47
CA ASP D 177 18.18 49.22 6.05
C ASP D 177 17.28 49.03 4.83
N LYS D 178 17.86 48.61 3.71
CA LYS D 178 17.14 48.57 2.44
C LYS D 178 16.16 47.39 2.33
N ILE D 179 15.94 46.63 3.39
CA ILE D 179 14.99 45.52 3.34
C ILE D 179 13.60 46.07 3.10
N LYS D 180 12.95 45.60 2.04
CA LYS D 180 11.61 46.05 1.70
C LYS D 180 10.66 44.87 1.66
N ALA D 181 9.36 45.18 1.71
CA ALA D 181 8.32 44.17 1.69
C ALA D 181 6.99 44.86 1.43
N GLU D 182 6.00 44.07 1.01
CA GLU D 182 4.70 44.66 0.70
C GLU D 182 3.64 43.57 0.69
N LEU D 183 2.40 44.01 0.91
CA LEU D 183 1.21 43.16 0.92
C LEU D 183 0.15 43.75 0.01
N LYS D 184 -0.38 42.94 -0.89
CA LYS D 184 -1.48 43.36 -1.74
C LYS D 184 -2.29 42.15 -2.19
N ASN D 185 -3.60 42.30 -2.19
CA ASN D 185 -4.54 41.26 -2.60
C ASN D 185 -4.24 39.94 -1.88
N GLY D 186 -3.96 40.04 -0.59
CA GLY D 186 -3.65 38.86 0.20
C GLY D 186 -2.36 38.19 -0.19
N VAL D 187 -1.36 38.97 -0.63
CA VAL D 187 -0.09 38.43 -1.11
C VAL D 187 1.03 39.26 -0.50
N LEU D 188 1.90 38.61 0.26
CA LEU D 188 3.07 39.27 0.84
C LEU D 188 4.30 38.91 0.03
N PHE D 189 5.27 39.82 0.02
CA PHE D 189 6.53 39.53 -0.63
C PHE D 189 7.61 40.43 -0.07
N ILE D 190 8.79 39.86 0.13
CA ILE D 190 9.91 40.53 0.80
C ILE D 190 11.12 40.52 -0.13
N THR D 191 11.66 41.71 -0.39
CA THR D 191 12.86 41.90 -1.18
C THR D 191 13.99 42.28 -0.23
N ILE D 192 15.14 41.64 -0.40
CA ILE D 192 16.26 41.83 0.52
C ILE D 192 17.57 41.78 -0.25
N PRO D 193 18.56 42.56 0.21
CA PRO D 193 19.81 42.67 -0.55
C PRO D 193 20.61 41.39 -0.60
N LYS D 194 21.24 41.14 -1.73
CA LYS D 194 22.18 40.04 -1.87
C LYS D 194 23.48 40.37 -1.13
N THR D 195 24.36 39.39 -1.06
CA THR D 195 25.67 39.50 -0.41
C THR D 195 26.76 39.50 -1.49
N LYS D 196 28.02 39.52 -1.05
CA LYS D 196 29.17 39.76 -1.92
C LYS D 196 30.18 38.62 -1.85
N VAL D 197 29.67 37.39 -1.97
CA VAL D 197 30.46 36.17 -1.87
C VAL D 197 31.39 36.05 -3.09
N GLU D 198 32.29 35.07 -3.06
CA GLU D 198 33.24 34.77 -4.14
C GLU D 198 34.27 35.87 -4.36
N ARG D 199 35.10 36.12 -3.36
CA ARG D 199 36.29 36.96 -3.50
C ARG D 199 37.54 36.16 -3.83
N LYS D 200 37.49 34.84 -3.76
CA LYS D 200 38.66 33.99 -3.99
C LYS D 200 38.20 32.56 -4.21
N VAL D 201 38.93 31.83 -5.05
CA VAL D 201 38.57 30.45 -5.37
C VAL D 201 39.81 29.72 -5.90
N ILE D 202 39.79 28.40 -5.83
CA ILE D 202 40.81 27.52 -6.39
C ILE D 202 40.09 26.34 -7.06
N ASP D 203 40.70 25.80 -8.10
CA ASP D 203 40.08 24.79 -8.95
C ASP D 203 40.87 23.47 -8.90
N VAL D 204 40.46 22.54 -9.77
CA VAL D 204 41.07 21.21 -9.80
C VAL D 204 42.56 21.28 -10.13
N GLN D 205 43.29 20.28 -9.64
CA GLN D 205 44.65 19.96 -10.06
C GLN D 205 44.78 18.45 -10.20
N ILE D 206 43.78 17.81 -10.83
CA ILE D 206 43.60 16.37 -10.84
C ILE D 206 44.84 15.65 -11.37
N GLN D 207 45.66 16.35 -12.14
CA GLN D 207 46.83 15.80 -12.83
C GLN D 207 46.64 14.36 -13.32
N ALA E 107 22.84 6.84 -17.18
CA ALA E 107 22.09 5.73 -17.75
C ALA E 107 22.94 4.46 -17.84
N PRO E 108 22.41 3.35 -17.33
CA PRO E 108 23.21 2.12 -17.22
C PRO E 108 23.76 1.56 -18.52
N TRP E 109 22.90 1.22 -19.49
CA TRP E 109 23.38 0.48 -20.65
C TRP E 109 22.58 0.87 -21.89
N ASP E 110 23.10 0.43 -23.04
CA ASP E 110 22.40 0.47 -24.31
C ASP E 110 22.64 -0.84 -25.03
N ILE E 111 21.60 -1.33 -25.69
CA ILE E 111 21.66 -2.56 -26.50
C ILE E 111 20.76 -2.37 -27.72
N LYS E 112 21.36 -2.37 -28.90
CA LYS E 112 20.52 -2.07 -30.06
C LYS E 112 21.18 -2.49 -31.37
N GLU E 113 20.32 -2.83 -32.33
CA GLU E 113 20.68 -2.91 -33.74
C GLU E 113 20.89 -1.50 -34.29
N GLU E 114 22.12 -1.19 -34.68
CA GLU E 114 22.43 0.09 -35.30
C GLU E 114 22.04 0.02 -36.78
N GLU E 115 22.51 0.99 -37.57
CA GLU E 115 22.18 1.00 -38.99
C GLU E 115 22.75 -0.21 -39.73
N HIS E 116 23.80 -0.84 -39.20
CA HIS E 116 24.41 -1.96 -39.91
C HIS E 116 24.79 -3.15 -39.04
N GLU E 117 24.78 -3.07 -37.72
CA GLU E 117 25.34 -4.13 -36.89
C GLU E 117 24.57 -4.19 -35.57
N ILE E 118 25.13 -4.89 -34.59
CA ILE E 118 24.56 -5.01 -33.25
C ILE E 118 25.57 -4.43 -32.26
N LYS E 119 25.07 -3.71 -31.26
CA LYS E 119 25.96 -3.02 -30.34
C LYS E 119 25.44 -3.10 -28.92
N MET E 120 26.36 -3.43 -27.99
CA MET E 120 26.12 -3.30 -26.56
C MET E 120 27.05 -2.26 -25.97
N ARG E 121 26.61 -1.66 -24.87
CA ARG E 121 27.42 -0.71 -24.13
C ARG E 121 26.97 -0.70 -22.69
N PHE E 122 27.93 -0.89 -21.78
CA PHE E 122 27.69 -0.78 -20.35
C PHE E 122 28.90 -0.09 -19.72
N ASP E 123 28.97 -0.09 -18.41
CA ASP E 123 29.93 0.76 -17.72
C ASP E 123 30.14 0.26 -16.30
N MET E 124 31.33 0.52 -15.77
CA MET E 124 31.66 0.02 -14.46
C MET E 124 32.77 0.86 -13.84
N PRO E 125 32.50 1.51 -12.70
CA PRO E 125 33.56 2.24 -12.01
C PRO E 125 34.70 1.31 -11.61
N GLY E 126 35.89 1.88 -11.48
CA GLY E 126 37.03 1.14 -10.99
C GLY E 126 37.62 0.17 -11.98
N LEU E 127 36.79 -0.73 -12.51
CA LEU E 127 37.22 -1.76 -13.44
C LEU E 127 38.05 -1.18 -14.57
N SER E 128 39.31 -1.60 -14.64
CA SER E 128 40.24 -1.20 -15.67
C SER E 128 40.38 -2.33 -16.70
N LYS E 129 41.36 -2.19 -17.59
CA LYS E 129 41.58 -3.11 -18.70
C LYS E 129 42.00 -4.51 -18.26
N GLU E 130 42.06 -4.79 -16.95
CA GLU E 130 42.58 -6.06 -16.46
C GLU E 130 41.49 -7.08 -16.18
N ASP E 131 40.50 -6.72 -15.36
CA ASP E 131 39.52 -7.67 -14.85
C ASP E 131 38.42 -7.99 -15.86
N VAL E 132 38.62 -7.70 -17.14
CA VAL E 132 37.60 -7.91 -18.15
C VAL E 132 37.86 -9.22 -18.89
N LYS E 133 36.79 -9.98 -19.13
CA LYS E 133 36.87 -11.18 -19.94
C LYS E 133 35.52 -11.36 -20.63
N ILE E 134 35.54 -12.06 -21.76
CA ILE E 134 34.31 -12.50 -22.40
C ILE E 134 34.46 -13.97 -22.77
N SER E 135 33.42 -14.52 -23.37
CA SER E 135 33.45 -15.89 -23.85
C SER E 135 32.33 -16.05 -24.87
N VAL E 136 32.62 -16.85 -25.90
CA VAL E 136 31.71 -17.06 -27.00
C VAL E 136 31.26 -18.51 -26.98
N GLU E 137 30.27 -18.80 -27.81
CA GLU E 137 29.66 -20.12 -27.92
C GLU E 137 29.24 -20.30 -29.38
N ASP E 138 28.38 -21.28 -29.64
CA ASP E 138 27.81 -21.39 -30.97
C ASP E 138 27.03 -20.13 -31.34
N ASN E 139 26.19 -19.65 -30.42
CA ASN E 139 25.51 -18.38 -30.62
C ASN E 139 25.41 -17.55 -29.33
N VAL E 140 26.02 -17.99 -28.23
CA VAL E 140 25.87 -17.35 -26.94
C VAL E 140 27.12 -16.56 -26.61
N LEU E 141 26.95 -15.30 -26.27
CA LEU E 141 28.00 -14.46 -25.72
C LEU E 141 27.80 -14.35 -24.22
N VAL E 142 28.90 -14.29 -23.47
CA VAL E 142 28.83 -14.04 -22.03
C VAL E 142 29.98 -13.13 -21.66
N ILE E 143 29.73 -12.23 -20.71
CA ILE E 143 30.73 -11.29 -20.22
C ILE E 143 31.02 -11.60 -18.76
N LYS E 144 32.30 -11.54 -18.40
CA LYS E 144 32.73 -11.80 -17.03
C LYS E 144 33.66 -10.67 -16.63
N GLY E 145 33.13 -9.72 -15.87
CA GLY E 145 33.95 -8.77 -15.16
C GLY E 145 33.91 -9.13 -13.69
N GLU E 146 34.97 -8.80 -12.95
CA GLU E 146 35.06 -9.16 -11.56
C GLU E 146 35.78 -8.02 -10.84
N GLN E 147 36.07 -8.21 -9.56
CA GLN E 147 36.63 -7.18 -8.72
C GLN E 147 38.09 -7.48 -8.43
N LYS E 148 38.99 -6.81 -9.16
CA LYS E 148 40.39 -6.77 -8.79
C LYS E 148 40.69 -5.59 -7.88
N LYS E 149 39.70 -5.13 -7.12
CA LYS E 149 39.93 -4.06 -6.15
C LYS E 149 40.52 -4.68 -4.90
N GLU E 150 41.57 -5.48 -5.08
CA GLU E 150 42.31 -6.06 -3.97
C GLU E 150 43.80 -6.09 -4.27
N ASP E 151 44.25 -5.44 -5.35
CA ASP E 151 45.63 -5.53 -5.79
C ASP E 151 46.44 -4.27 -5.50
N SER E 152 45.81 -3.15 -5.18
CA SER E 152 46.55 -1.97 -4.77
C SER E 152 46.67 -1.86 -3.25
N ASP E 153 45.54 -1.69 -2.57
CA ASP E 153 45.41 -1.77 -1.11
C ASP E 153 43.95 -1.49 -0.81
N ASP E 154 43.50 -1.90 0.38
CA ASP E 154 42.16 -1.48 0.79
C ASP E 154 42.20 -0.08 1.37
N SER E 155 42.80 0.07 2.56
CA SER E 155 42.88 1.34 3.27
C SER E 155 41.60 2.15 3.13
N TRP E 156 40.45 1.49 3.21
CA TRP E 156 39.20 2.10 2.78
C TRP E 156 38.02 1.43 3.47
N SER E 157 36.85 2.04 3.29
CA SER E 157 35.58 1.47 3.69
C SER E 157 34.69 1.17 2.50
N GLY E 158 34.46 2.16 1.64
CA GLY E 158 33.53 2.00 0.54
C GLY E 158 34.09 1.31 -0.68
N ARG E 159 34.84 0.23 -0.46
CA ARG E 159 35.24 -0.62 -1.58
C ARG E 159 33.99 -1.17 -2.27
N SER E 160 33.98 -1.10 -3.59
CA SER E 160 32.83 -1.55 -4.37
C SER E 160 33.10 -2.95 -4.91
N VAL E 161 32.14 -3.86 -4.68
CA VAL E 161 32.21 -5.24 -5.16
C VAL E 161 30.80 -5.67 -5.56
N SER E 162 30.66 -6.23 -6.76
CA SER E 162 29.36 -6.69 -7.22
C SER E 162 29.59 -7.75 -8.30
N SER E 163 28.51 -8.11 -9.01
CA SER E 163 28.55 -9.11 -10.06
C SER E 163 28.35 -8.43 -11.41
N TYR E 164 29.13 -8.86 -12.41
CA TYR E 164 29.21 -8.13 -13.67
C TYR E 164 28.94 -8.99 -14.89
N GLY E 165 29.28 -10.27 -14.83
CA GLY E 165 29.03 -11.15 -15.96
C GLY E 165 27.55 -11.19 -16.32
N THR E 166 27.29 -11.39 -17.62
CA THR E 166 25.93 -11.30 -18.13
C THR E 166 25.85 -12.04 -19.46
N ARG E 167 24.63 -12.41 -19.83
CA ARG E 167 24.30 -13.22 -21.00
C ARG E 167 24.21 -12.38 -22.27
N LEU E 168 24.09 -13.08 -23.39
CA LEU E 168 23.63 -12.55 -24.67
C LEU E 168 23.44 -13.71 -25.64
N GLN E 169 22.50 -13.54 -26.56
CA GLN E 169 22.31 -14.45 -27.68
C GLN E 169 22.16 -13.64 -28.95
N LEU E 170 22.86 -14.05 -30.00
CA LEU E 170 22.67 -13.34 -31.25
C LEU E 170 21.65 -14.06 -32.11
N PRO E 171 20.90 -13.34 -32.96
CA PRO E 171 19.96 -14.02 -33.87
C PRO E 171 20.57 -15.18 -34.64
N ASP E 172 21.60 -14.90 -35.44
CA ASP E 172 22.37 -15.93 -36.12
C ASP E 172 23.64 -16.21 -35.32
N ASN E 173 24.18 -17.42 -35.50
CA ASN E 173 25.41 -17.80 -34.80
C ASN E 173 26.47 -16.72 -34.92
N CYS E 174 27.07 -16.38 -33.79
CA CYS E 174 27.94 -15.21 -33.72
C CYS E 174 29.17 -15.38 -34.60
N GLU E 175 29.25 -14.56 -35.65
CA GLU E 175 30.45 -14.52 -36.47
C GLU E 175 31.58 -13.92 -35.63
N LYS E 176 32.72 -14.60 -35.60
CA LYS E 176 33.70 -14.39 -34.54
C LYS E 176 34.81 -13.42 -34.90
N ASP E 177 35.22 -13.36 -36.17
CA ASP E 177 36.44 -12.63 -36.51
C ASP E 177 36.32 -11.15 -36.22
N LYS E 178 35.41 -10.46 -36.91
CA LYS E 178 35.31 -9.01 -36.84
C LYS E 178 34.68 -8.49 -35.55
N ILE E 179 34.42 -9.35 -34.56
CA ILE E 179 33.85 -8.89 -33.30
C ILE E 179 34.85 -7.97 -32.61
N LYS E 180 34.42 -6.75 -32.30
CA LYS E 180 35.28 -5.79 -31.64
C LYS E 180 34.65 -5.34 -30.33
N ALA E 181 35.48 -4.74 -29.48
CA ALA E 181 35.04 -4.26 -28.18
C ALA E 181 36.12 -3.36 -27.62
N GLU E 182 35.76 -2.54 -26.63
CA GLU E 182 36.72 -1.62 -26.05
C GLU E 182 36.22 -1.13 -24.70
N LEU E 183 37.19 -0.70 -23.88
CA LEU E 183 36.95 -0.17 -22.54
C LEU E 183 37.67 1.16 -22.40
N LYS E 184 36.94 2.18 -21.94
CA LYS E 184 37.53 3.47 -21.65
C LYS E 184 36.70 4.20 -20.61
N ASN E 185 37.39 4.84 -19.68
CA ASN E 185 36.76 5.61 -18.59
C ASN E 185 35.71 4.79 -17.87
N GLY E 186 36.04 3.53 -17.62
CA GLY E 186 35.10 2.64 -16.95
C GLY E 186 33.87 2.32 -17.76
N VAL E 187 33.99 2.25 -19.08
CA VAL E 187 32.86 2.03 -19.97
C VAL E 187 33.23 0.95 -20.99
N LEU E 188 32.49 -0.14 -20.99
CA LEU E 188 32.67 -1.21 -21.96
C LEU E 188 31.67 -1.08 -23.10
N PHE E 189 32.07 -1.53 -24.28
CA PHE E 189 31.14 -1.56 -25.41
C PHE E 189 31.63 -2.53 -26.46
N ILE E 190 30.69 -3.31 -26.99
CA ILE E 190 30.98 -4.40 -27.91
C ILE E 190 30.21 -4.19 -29.20
N THR E 191 30.93 -4.18 -30.32
CA THR E 191 30.37 -4.07 -31.65
C THR E 191 30.47 -5.42 -32.33
N ILE E 192 29.39 -5.87 -32.95
CA ILE E 192 29.35 -7.21 -33.54
C ILE E 192 28.54 -7.18 -34.83
N PRO E 193 28.91 -8.02 -35.79
CA PRO E 193 28.27 -7.96 -37.11
C PRO E 193 26.81 -8.37 -37.08
N LYS E 194 26.01 -7.69 -37.91
CA LYS E 194 24.63 -8.08 -38.13
C LYS E 194 24.58 -9.34 -38.99
N THR E 195 23.37 -9.87 -39.14
CA THR E 195 23.10 -11.07 -39.93
C THR E 195 22.34 -10.66 -41.20
N LYS E 196 21.94 -11.66 -42.00
CA LYS E 196 21.43 -11.45 -43.35
C LYS E 196 20.04 -12.06 -43.51
N VAL E 197 19.16 -11.75 -42.56
CA VAL E 197 17.80 -12.27 -42.50
C VAL E 197 16.97 -11.67 -43.64
N GLU E 198 15.74 -12.18 -43.84
CA GLU E 198 14.79 -11.71 -44.83
C GLU E 198 15.23 -11.97 -46.27
N ARG E 199 15.38 -13.24 -46.62
CA ARG E 199 15.57 -13.65 -48.01
C ARG E 199 14.26 -14.01 -48.70
N LYS E 200 13.15 -14.11 -47.97
CA LYS E 200 11.87 -14.51 -48.53
C LYS E 200 10.77 -14.16 -47.54
N VAL E 201 9.59 -13.82 -48.07
CA VAL E 201 8.46 -13.42 -47.23
C VAL E 201 7.17 -13.60 -48.02
N ILE E 202 6.05 -13.70 -47.30
CA ILE E 202 4.70 -13.75 -47.86
C ILE E 202 3.81 -12.88 -46.98
N ASP E 203 2.79 -12.28 -47.59
CA ASP E 203 1.94 -11.28 -46.95
C ASP E 203 0.49 -11.76 -46.87
N VAL E 204 -0.39 -10.85 -46.45
CA VAL E 204 -1.80 -11.17 -46.25
C VAL E 204 -2.45 -11.62 -47.55
N GLN E 205 -3.49 -12.44 -47.42
CA GLN E 205 -4.46 -12.75 -48.46
C GLN E 205 -5.86 -12.75 -47.86
N ILE E 206 -6.16 -11.75 -47.03
CA ILE E 206 -7.33 -11.72 -46.17
C ILE E 206 -8.62 -11.88 -46.95
N GLN E 207 -8.58 -11.59 -48.24
CA GLN E 207 -9.74 -11.57 -49.13
C GLN E 207 -11.04 -11.12 -48.46
N ALA F 107 -27.68 -8.11 5.93
CA ALA F 107 -27.62 -7.18 4.82
C ALA F 107 -28.35 -5.88 5.17
N PRO F 108 -27.67 -4.74 4.95
CA PRO F 108 -28.21 -3.45 5.40
C PRO F 108 -29.56 -3.05 4.81
N TRP F 109 -29.67 -2.93 3.49
CA TRP F 109 -30.87 -2.34 2.91
C TRP F 109 -31.18 -2.97 1.56
N ASP F 110 -32.40 -2.68 1.08
CA ASP F 110 -32.80 -2.97 -0.28
C ASP F 110 -33.55 -1.76 -0.82
N ILE F 111 -33.34 -1.46 -2.10
CA ILE F 111 -34.01 -0.37 -2.80
C ILE F 111 -34.25 -0.81 -4.23
N LYS F 112 -35.53 -0.95 -4.63
CA LYS F 112 -35.74 -1.49 -5.96
C LYS F 112 -37.16 -1.21 -6.46
N GLU F 113 -37.27 -1.10 -7.77
CA GLU F 113 -38.54 -1.21 -8.50
C GLU F 113 -39.00 -2.66 -8.49
N GLU F 114 -40.12 -2.92 -7.83
CA GLU F 114 -40.71 -4.26 -7.82
C GLU F 114 -41.51 -4.44 -9.11
N GLU F 115 -42.35 -5.48 -9.17
CA GLU F 115 -43.14 -5.73 -10.37
C GLU F 115 -44.12 -4.60 -10.66
N HIS F 116 -44.50 -3.80 -9.66
CA HIS F 116 -45.50 -2.77 -9.88
C HIS F 116 -45.21 -1.43 -9.22
N GLU F 117 -44.24 -1.31 -8.32
CA GLU F 117 -44.10 -0.10 -7.52
C GLU F 117 -42.62 0.10 -7.19
N ILE F 118 -42.34 0.99 -6.24
CA ILE F 118 -40.99 1.25 -5.74
C ILE F 118 -40.96 0.92 -4.25
N LYS F 119 -39.86 0.33 -3.81
CA LYS F 119 -39.78 -0.15 -2.43
C LYS F 119 -38.41 0.11 -1.84
N MET F 120 -38.40 0.64 -0.62
CA MET F 120 -37.21 0.71 0.21
C MET F 120 -37.38 -0.15 1.44
N ARG F 121 -36.24 -0.61 1.98
CA ARG F 121 -36.24 -1.37 3.22
C ARG F 121 -34.89 -1.19 3.89
N PHE F 122 -34.92 -0.78 5.16
CA PHE F 122 -33.73 -0.70 5.99
C PHE F 122 -34.09 -1.19 7.38
N ASP F 123 -33.19 -0.98 8.34
CA ASP F 123 -33.32 -1.64 9.63
C ASP F 123 -32.48 -0.91 10.66
N MET F 124 -32.91 -1.00 11.90
CA MET F 124 -32.24 -0.28 12.97
C MET F 124 -32.52 -0.92 14.31
N PRO F 125 -31.49 -1.41 15.00
CA PRO F 125 -31.70 -1.93 16.36
C PRO F 125 -32.24 -0.86 17.28
N GLY F 126 -32.95 -1.32 18.31
CA GLY F 126 -33.43 -0.42 19.34
C GLY F 126 -34.61 0.44 18.92
N LEU F 127 -34.44 1.17 17.82
CA LEU F 127 -35.47 2.09 17.33
C LEU F 127 -36.82 1.41 17.25
N SER F 128 -37.77 1.92 18.03
CA SER F 128 -39.15 1.45 18.04
C SER F 128 -40.04 2.41 17.27
N LYS F 129 -41.35 2.22 17.38
CA LYS F 129 -42.34 2.98 16.63
C LYS F 129 -42.39 4.45 17.01
N GLU F 130 -41.51 4.93 17.88
CA GLU F 130 -41.60 6.31 18.38
C GLU F 130 -40.68 7.26 17.63
N ASP F 131 -39.39 6.95 17.54
CA ASP F 131 -38.39 7.87 17.03
C ASP F 131 -38.37 7.96 15.51
N VAL F 132 -39.40 7.49 14.83
CA VAL F 132 -39.42 7.47 13.37
C VAL F 132 -40.21 8.66 12.85
N LYS F 133 -39.67 9.29 11.81
CA LYS F 133 -40.37 10.35 11.09
C LYS F 133 -39.93 10.33 9.64
N ILE F 134 -40.79 10.82 8.76
CA ILE F 134 -40.42 11.07 7.38
C ILE F 134 -40.87 12.48 7.00
N SER F 135 -40.59 12.84 5.75
CA SER F 135 -41.02 14.12 5.22
C SER F 135 -40.99 14.04 3.71
N VAL F 136 -41.97 14.69 3.08
CA VAL F 136 -42.13 14.65 1.64
C VAL F 136 -41.88 16.05 1.09
N GLU F 137 -41.80 16.12 -0.22
CA GLU F 137 -41.52 17.36 -0.95
C GLU F 137 -42.28 17.28 -2.26
N ASP F 138 -41.93 18.14 -3.22
CA ASP F 138 -42.49 18.01 -4.56
C ASP F 138 -42.14 16.65 -5.16
N ASN F 139 -40.87 16.24 -5.04
CA ASN F 139 -40.47 14.91 -5.46
C ASN F 139 -39.44 14.28 -4.52
N VAL F 140 -39.10 14.92 -3.41
CA VAL F 140 -38.04 14.48 -2.53
C VAL F 140 -38.65 13.85 -1.28
N LEU F 141 -38.20 12.64 -0.96
CA LEU F 141 -38.50 11.99 0.31
C LEU F 141 -37.28 12.09 1.20
N VAL F 142 -37.50 12.23 2.50
CA VAL F 142 -36.42 12.20 3.47
C VAL F 142 -36.91 11.44 4.70
N ILE F 143 -36.01 10.69 5.32
CA ILE F 143 -36.30 9.92 6.51
C ILE F 143 -35.48 10.47 7.66
N LYS F 144 -36.11 10.57 8.83
CA LYS F 144 -35.44 11.07 10.04
C LYS F 144 -35.74 10.08 11.16
N GLY F 145 -34.77 9.23 11.46
CA GLY F 145 -34.79 8.46 12.68
C GLY F 145 -33.74 9.04 13.60
N GLU F 146 -33.93 8.90 14.90
CA GLU F 146 -33.00 9.47 15.86
C GLU F 146 -32.93 8.52 17.05
N GLN F 147 -32.23 8.94 18.09
CA GLN F 147 -31.96 8.09 19.25
C GLN F 147 -32.79 8.56 20.44
N LYS F 148 -33.90 7.86 20.68
CA LYS F 148 -34.62 7.99 21.94
C LYS F 148 -34.12 6.98 22.97
N LYS F 149 -32.86 6.56 22.86
CA LYS F 149 -32.26 5.68 23.85
C LYS F 149 -31.80 6.52 25.03
N GLU F 150 -32.71 7.38 25.51
CA GLU F 150 -32.46 8.17 26.70
C GLU F 150 -33.73 8.29 27.55
N ASP F 151 -34.77 7.51 27.26
CA ASP F 151 -36.05 7.64 27.92
C ASP F 151 -36.35 6.52 28.91
N SER F 152 -35.61 5.41 28.86
CA SER F 152 -35.78 4.36 29.86
C SER F 152 -34.77 4.50 31.00
N ASP F 153 -33.49 4.35 30.69
CA ASP F 153 -32.35 4.63 31.57
C ASP F 153 -31.10 4.28 30.78
N ASP F 154 -29.97 4.84 31.20
CA ASP F 154 -28.71 4.37 30.60
C ASP F 154 -28.26 3.07 31.26
N SER F 155 -27.81 3.16 32.51
CA SER F 155 -27.29 2.03 33.27
C SER F 155 -26.45 1.10 32.39
N TRP F 156 -25.63 1.68 31.51
CA TRP F 156 -25.04 0.90 30.44
C TRP F 156 -23.76 1.56 29.95
N SER F 157 -23.04 0.84 29.10
CA SER F 157 -21.90 1.36 28.37
C SER F 157 -22.14 1.41 26.87
N GLY F 158 -22.55 0.28 26.28
CA GLY F 158 -22.70 0.19 24.84
C GLY F 158 -24.01 0.74 24.30
N ARG F 159 -24.42 1.90 24.80
CA ARG F 159 -25.54 2.61 24.19
C ARG F 159 -25.20 2.94 22.74
N SER F 160 -26.13 2.66 21.84
CA SER F 160 -25.91 2.89 20.42
C SER F 160 -26.56 4.21 20.02
N VAL F 161 -25.78 5.06 19.33
CA VAL F 161 -26.24 6.36 18.84
C VAL F 161 -25.56 6.60 17.49
N SER F 162 -26.35 6.97 16.48
CA SER F 162 -25.81 7.24 15.15
C SER F 162 -26.79 8.14 14.41
N SER F 163 -26.57 8.30 13.11
CA SER F 163 -27.40 9.13 12.25
C SER F 163 -28.19 8.24 11.30
N TYR F 164 -29.47 8.58 11.10
CA TYR F 164 -30.39 7.67 10.43
C TYR F 164 -31.12 8.32 9.26
N GLY F 165 -31.37 9.62 9.33
CA GLY F 165 -32.06 10.29 8.23
C GLY F 165 -31.30 10.15 6.92
N THR F 166 -32.05 10.13 5.83
CA THR F 166 -31.46 9.84 4.52
C THR F 166 -32.39 10.38 3.44
N ARG F 167 -31.82 10.58 2.25
CA ARG F 167 -32.48 11.18 1.09
C ARG F 167 -33.28 10.15 0.29
N LEU F 168 -34.05 10.66 -0.67
CA LEU F 168 -34.60 9.91 -1.78
C LEU F 168 -35.23 10.89 -2.77
N GLN F 169 -35.21 10.50 -4.04
CA GLN F 169 -35.94 11.21 -5.09
C GLN F 169 -36.71 10.21 -5.92
N LEU F 170 -37.96 10.52 -6.22
CA LEU F 170 -38.69 9.61 -7.08
C LEU F 170 -38.64 10.11 -8.52
N PRO F 171 -38.68 9.22 -9.52
CA PRO F 171 -38.71 9.66 -10.91
C PRO F 171 -39.75 10.74 -11.19
N ASP F 172 -41.01 10.43 -10.95
CA ASP F 172 -42.09 11.40 -11.05
C ASP F 172 -42.42 11.91 -9.64
N ASN F 173 -43.00 13.11 -9.57
CA ASN F 173 -43.37 13.70 -8.29
C ASN F 173 -44.14 12.70 -7.44
N CYS F 174 -43.73 12.58 -6.18
CA CYS F 174 -44.22 11.51 -5.32
C CYS F 174 -45.71 11.64 -5.07
N GLU F 175 -46.48 10.69 -5.60
CA GLU F 175 -47.90 10.62 -5.29
C GLU F 175 -48.05 10.24 -3.82
N LYS F 176 -48.87 11.01 -3.10
CA LYS F 176 -48.78 11.05 -1.65
C LYS F 176 -49.76 10.12 -0.94
N ASP F 177 -50.95 9.90 -1.50
CA ASP F 177 -52.01 9.24 -0.74
C ASP F 177 -51.64 7.81 -0.38
N LYS F 178 -51.44 6.96 -1.40
CA LYS F 178 -51.26 5.54 -1.18
C LYS F 178 -49.87 5.17 -0.66
N ILE F 179 -49.03 6.14 -0.31
CA ILE F 179 -47.71 5.83 0.22
C ILE F 179 -47.85 5.12 1.55
N LYS F 180 -47.28 3.92 1.65
CA LYS F 180 -47.35 3.14 2.87
C LYS F 180 -45.96 2.85 3.40
N ALA F 181 -45.89 2.46 4.67
CA ALA F 181 -44.63 2.14 5.31
C ALA F 181 -44.93 1.42 6.62
N GLU F 182 -43.93 0.73 7.16
CA GLU F 182 -44.13 0.00 8.39
C GLU F 182 -42.80 -0.31 9.05
N LEU F 183 -42.87 -0.53 10.35
CA LEU F 183 -41.72 -0.87 11.20
C LEU F 183 -42.04 -2.11 12.02
N LYS F 184 -41.15 -3.10 11.97
CA LYS F 184 -41.29 -4.28 12.81
C LYS F 184 -39.93 -4.91 13.04
N ASN F 185 -39.71 -5.35 14.29
CA ASN F 185 -38.46 -6.00 14.70
C ASN F 185 -37.24 -5.15 14.30
N GLY F 186 -37.36 -3.85 14.51
CA GLY F 186 -36.27 -2.96 14.15
C GLY F 186 -36.01 -2.86 12.66
N VAL F 187 -37.05 -2.97 11.83
CA VAL F 187 -36.92 -2.99 10.39
C VAL F 187 -37.94 -2.05 9.77
N LEU F 188 -37.45 -1.03 9.06
CA LEU F 188 -38.32 -0.11 8.34
C LEU F 188 -38.45 -0.49 6.87
N PHE F 189 -39.61 -0.18 6.30
CA PHE F 189 -39.79 -0.41 4.87
C PHE F 189 -40.94 0.43 4.33
N ILE F 190 -40.70 1.04 3.18
CA ILE F 190 -41.62 2.00 2.58
C ILE F 190 -42.00 1.53 1.18
N THR F 191 -43.29 1.40 0.94
CA THR F 191 -43.86 1.04 -0.35
C THR F 191 -44.48 2.29 -0.96
N ILE F 192 -44.20 2.54 -2.23
CA ILE F 192 -44.66 3.77 -2.89
C ILE F 192 -45.01 3.48 -4.33
N PRO F 193 -46.00 4.19 -4.86
CA PRO F 193 -46.51 3.88 -6.21
C PRO F 193 -45.48 4.16 -7.30
N LYS F 194 -45.49 3.31 -8.32
CA LYS F 194 -44.70 3.55 -9.51
C LYS F 194 -45.34 4.66 -10.35
N THR F 195 -44.64 5.07 -11.40
CA THR F 195 -45.08 6.09 -12.33
C THR F 195 -45.43 5.44 -13.68
N LYS F 196 -45.77 6.27 -14.66
CA LYS F 196 -46.38 5.81 -15.92
C LYS F 196 -45.55 6.27 -17.11
N VAL F 197 -44.25 6.05 -17.04
CA VAL F 197 -43.29 6.46 -18.06
C VAL F 197 -43.49 5.63 -19.33
N GLU F 198 -42.80 6.00 -20.41
CA GLU F 198 -42.83 5.32 -21.70
C GLU F 198 -44.18 5.39 -22.41
N ARG F 199 -44.59 6.60 -22.75
CA ARG F 199 -45.74 6.81 -23.63
C ARG F 199 -45.35 6.95 -25.09
N LYS F 200 -44.05 7.06 -25.39
CA LYS F 200 -43.58 7.27 -26.76
C LYS F 200 -42.09 6.98 -26.81
N VAL F 201 -41.63 6.46 -27.95
CA VAL F 201 -40.22 6.12 -28.12
C VAL F 201 -39.90 6.06 -29.61
N ILE F 202 -38.61 6.18 -29.94
CA ILE F 202 -38.08 6.03 -31.29
C ILE F 202 -36.78 5.23 -31.19
N ASP F 203 -36.48 4.47 -32.23
CA ASP F 203 -35.37 3.51 -32.23
C ASP F 203 -34.33 3.88 -33.30
N VAL F 204 -33.36 2.97 -33.48
CA VAL F 204 -32.26 3.21 -34.41
C VAL F 204 -32.76 3.39 -35.84
N GLN F 205 -31.99 4.15 -36.61
CA GLN F 205 -32.07 4.21 -38.06
C GLN F 205 -30.67 4.20 -38.66
N ILE F 206 -29.81 3.30 -38.14
CA ILE F 206 -28.37 3.31 -38.38
C ILE F 206 -28.04 3.25 -39.86
N GLN F 207 -28.99 2.76 -40.67
CA GLN F 207 -28.82 2.52 -42.11
C GLN F 207 -27.40 2.07 -42.48
N ALA G 107 -8.44 4.02 -27.38
CA ALA G 107 -9.22 4.87 -26.50
C ALA G 107 -10.70 4.50 -26.55
N PRO G 108 -11.30 4.29 -25.37
CA PRO G 108 -12.68 3.77 -25.31
C PRO G 108 -13.74 4.62 -26.00
N TRP G 109 -13.93 5.87 -25.56
CA TRP G 109 -15.07 6.64 -26.03
C TRP G 109 -14.73 8.13 -26.13
N ASP G 110 -15.62 8.85 -26.79
CA ASP G 110 -15.62 10.30 -26.79
C ASP G 110 -17.06 10.79 -26.61
N ILE G 111 -17.20 11.88 -25.85
CA ILE G 111 -18.50 12.51 -25.61
C ILE G 111 -18.27 14.01 -25.53
N LYS G 112 -18.84 14.76 -26.47
CA LYS G 112 -18.52 16.19 -26.46
C LYS G 112 -19.51 16.99 -27.29
N GLU G 113 -19.70 18.25 -26.86
CA GLU G 113 -20.29 19.30 -27.68
C GLU G 113 -19.30 19.70 -28.78
N GLU G 114 -19.67 19.45 -30.02
CA GLU G 114 -18.85 19.88 -31.17
C GLU G 114 -19.14 21.35 -31.44
N GLU G 115 -18.71 21.83 -32.61
CA GLU G 115 -18.94 23.23 -32.96
C GLU G 115 -20.42 23.57 -33.08
N HIS G 116 -21.28 22.58 -33.33
CA HIS G 116 -22.69 22.88 -33.53
C HIS G 116 -23.67 21.91 -32.87
N GLU G 117 -23.23 20.76 -32.36
CA GLU G 117 -24.17 19.74 -31.90
C GLU G 117 -23.55 18.97 -30.73
N ILE G 118 -24.14 17.82 -30.40
CA ILE G 118 -23.64 16.93 -29.36
C ILE G 118 -23.32 15.59 -30.01
N LYS G 119 -22.22 14.97 -29.58
CA LYS G 119 -21.75 13.75 -30.22
C LYS G 119 -21.23 12.76 -29.20
N MET G 120 -21.66 11.51 -29.35
CA MET G 120 -21.07 10.38 -28.64
C MET G 120 -20.41 9.43 -29.63
N ARG G 121 -19.42 8.70 -29.14
CA ARG G 121 -18.75 7.68 -29.93
C ARG G 121 -18.18 6.63 -29.00
N PHE G 122 -18.52 5.37 -29.26
CA PHE G 122 -17.94 4.23 -28.55
C PHE G 122 -17.70 3.13 -29.55
N ASP G 123 -17.38 1.93 -29.06
CA ASP G 123 -16.87 0.89 -29.92
C ASP G 123 -17.04 -0.46 -29.26
N MET G 124 -17.18 -1.49 -30.07
CA MET G 124 -17.40 -2.82 -29.53
C MET G 124 -16.99 -3.87 -30.53
N PRO G 125 -16.02 -4.72 -30.19
CA PRO G 125 -15.66 -5.84 -31.08
C PRO G 125 -16.84 -6.77 -31.30
N GLY G 126 -16.83 -7.44 -32.45
CA GLY G 126 -17.83 -8.45 -32.74
C GLY G 126 -19.19 -7.89 -33.11
N LEU G 127 -19.74 -7.04 -32.23
CA LEU G 127 -21.06 -6.47 -32.42
C LEU G 127 -21.21 -5.88 -33.82
N SER G 128 -22.14 -6.44 -34.59
CA SER G 128 -22.47 -5.98 -35.93
C SER G 128 -23.77 -5.19 -35.89
N LYS G 129 -24.31 -4.88 -37.07
CA LYS G 129 -25.50 -4.04 -37.22
C LYS G 129 -26.76 -4.66 -36.66
N GLU G 130 -26.69 -5.83 -36.02
CA GLU G 130 -27.88 -6.55 -35.58
C GLU G 130 -28.21 -6.29 -34.11
N ASP G 131 -27.26 -6.50 -33.21
CA ASP G 131 -27.52 -6.49 -31.78
C ASP G 131 -27.60 -5.08 -31.20
N VAL G 132 -27.76 -4.06 -32.02
CA VAL G 132 -27.77 -2.68 -31.56
C VAL G 132 -29.22 -2.19 -31.40
N LYS G 133 -29.47 -1.48 -30.31
CA LYS G 133 -30.75 -0.83 -30.10
C LYS G 133 -30.53 0.42 -29.27
N ILE G 134 -31.43 1.39 -29.40
CA ILE G 134 -31.45 2.54 -28.51
C ILE G 134 -32.88 2.74 -28.03
N SER G 135 -33.06 3.77 -27.20
CA SER G 135 -34.37 4.14 -26.73
C SER G 135 -34.32 5.57 -26.23
N VAL G 136 -35.40 6.31 -26.48
CA VAL G 136 -35.47 7.72 -26.13
C VAL G 136 -36.53 7.89 -25.05
N GLU G 137 -36.57 9.09 -24.49
CA GLU G 137 -37.47 9.45 -23.41
C GLU G 137 -37.83 10.92 -23.61
N ASP G 138 -38.37 11.55 -22.57
CA ASP G 138 -38.59 12.99 -22.64
C ASP G 138 -37.25 13.71 -22.83
N ASN G 139 -36.23 13.33 -22.06
CA ASN G 139 -34.90 13.87 -22.25
C ASN G 139 -33.80 12.82 -22.07
N VAL G 140 -34.16 11.55 -21.86
CA VAL G 140 -33.20 10.51 -21.52
C VAL G 140 -32.97 9.63 -22.75
N LEU G 141 -31.70 9.45 -23.11
CA LEU G 141 -31.30 8.46 -24.11
C LEU G 141 -30.72 7.26 -23.39
N VAL G 142 -30.94 6.07 -23.93
CA VAL G 142 -30.31 4.87 -23.42
C VAL G 142 -29.93 3.99 -24.60
N ILE G 143 -28.80 3.30 -24.47
CA ILE G 143 -28.28 2.41 -25.50
C ILE G 143 -28.30 0.99 -24.96
N LYS G 144 -28.70 0.05 -25.82
CA LYS G 144 -28.75 -1.36 -25.45
C LYS G 144 -28.07 -2.15 -26.56
N GLY G 145 -26.81 -2.53 -26.32
CA GLY G 145 -26.16 -3.52 -27.13
C GLY G 145 -26.08 -4.79 -26.31
N GLU G 146 -26.05 -5.94 -26.98
CA GLU G 146 -26.02 -7.22 -26.29
C GLU G 146 -25.17 -8.16 -27.10
N GLN G 147 -25.12 -9.42 -26.69
CA GLN G 147 -24.25 -10.41 -27.30
C GLN G 147 -25.07 -11.39 -28.14
N LYS G 148 -25.07 -11.18 -29.45
CA LYS G 148 -25.53 -12.19 -30.39
C LYS G 148 -24.40 -13.10 -30.84
N LYS G 149 -23.37 -13.26 -30.01
CA LYS G 149 -22.30 -14.19 -30.31
C LYS G 149 -22.75 -15.60 -29.93
N GLU G 150 -23.95 -15.97 -30.40
CA GLU G 150 -24.48 -17.30 -30.22
C GLU G 150 -25.22 -17.78 -31.46
N ASP G 151 -25.13 -17.04 -32.57
CA ASP G 151 -25.93 -17.33 -33.75
C ASP G 151 -25.12 -17.96 -34.88
N SER G 152 -23.78 -17.91 -34.83
CA SER G 152 -22.98 -18.59 -35.83
C SER G 152 -22.53 -19.98 -35.34
N ASP G 153 -21.73 -20.02 -34.29
CA ASP G 153 -21.35 -21.21 -33.54
C ASP G 153 -20.40 -20.76 -32.45
N ASP G 154 -20.25 -21.58 -31.41
CA ASP G 154 -19.21 -21.28 -30.44
C ASP G 154 -17.85 -21.78 -30.95
N SER G 155 -17.67 -23.11 -30.98
CA SER G 155 -16.42 -23.74 -31.38
C SER G 155 -15.20 -22.97 -30.88
N TRP G 156 -15.26 -22.49 -29.64
CA TRP G 156 -14.30 -21.49 -29.18
C TRP G 156 -14.20 -21.53 -27.67
N SER G 157 -13.21 -20.79 -27.17
CA SER G 157 -13.05 -20.53 -25.74
C SER G 157 -13.25 -19.06 -25.41
N GLY G 158 -12.52 -18.17 -26.09
CA GLY G 158 -12.54 -16.76 -25.76
C GLY G 158 -13.71 -15.99 -26.34
N ARG G 159 -14.90 -16.57 -26.27
CA ARG G 159 -16.10 -15.82 -26.60
C ARG G 159 -16.23 -14.62 -25.66
N SER G 160 -16.50 -13.44 -26.24
CA SER G 160 -16.61 -12.22 -25.46
C SER G 160 -18.07 -11.92 -25.18
N VAL G 161 -18.39 -11.66 -23.92
CA VAL G 161 -19.73 -11.32 -23.46
C VAL G 161 -19.60 -10.29 -22.34
N SER G 162 -20.33 -9.19 -22.44
CA SER G 162 -20.30 -8.14 -21.42
C SER G 162 -21.60 -7.34 -21.50
N SER G 163 -21.63 -6.22 -20.79
CA SER G 163 -22.79 -5.34 -20.75
C SER G 163 -22.47 -4.05 -21.50
N TYR G 164 -23.44 -3.57 -22.28
CA TYR G 164 -23.18 -2.50 -23.24
C TYR G 164 -24.13 -1.31 -23.09
N GLY G 165 -25.37 -1.57 -22.68
CA GLY G 165 -26.32 -0.47 -22.52
C GLY G 165 -25.81 0.57 -21.53
N THR G 166 -26.21 1.82 -21.76
CA THR G 166 -25.68 2.93 -20.99
C THR G 166 -26.63 4.11 -21.11
N ARG G 167 -26.53 5.03 -20.15
CA ARG G 167 -27.39 6.18 -19.97
C ARG G 167 -26.96 7.35 -20.86
N LEU G 168 -27.82 8.38 -20.88
CA LEU G 168 -27.48 9.73 -21.31
C LEU G 168 -28.66 10.64 -20.99
N GLN G 169 -28.35 11.91 -20.74
CA GLN G 169 -29.35 12.96 -20.60
C GLN G 169 -28.93 14.16 -21.42
N LEU G 170 -29.86 14.72 -22.16
CA LEU G 170 -29.49 15.92 -22.91
C LEU G 170 -29.91 17.16 -22.13
N PRO G 171 -29.19 18.28 -22.27
CA PRO G 171 -29.60 19.52 -21.59
C PRO G 171 -31.07 19.86 -21.78
N ASP G 172 -31.49 20.06 -23.03
CA ASP G 172 -32.88 20.25 -23.38
C ASP G 172 -33.46 18.93 -23.87
N ASN G 173 -34.78 18.80 -23.76
CA ASN G 173 -35.47 17.58 -24.19
C ASN G 173 -35.02 17.19 -25.60
N CYS G 174 -34.68 15.92 -25.76
CA CYS G 174 -34.02 15.46 -26.98
C CYS G 174 -34.93 15.62 -28.19
N GLU G 175 -34.54 16.51 -29.09
CA GLU G 175 -35.23 16.63 -30.36
C GLU G 175 -34.98 15.37 -31.17
N LYS G 176 -36.06 14.77 -31.69
CA LYS G 176 -36.02 13.38 -32.09
C LYS G 176 -35.75 13.17 -33.58
N ASP G 177 -36.20 14.07 -34.45
CA ASP G 177 -36.20 13.80 -35.88
C ASP G 177 -34.78 13.63 -36.42
N LYS G 178 -33.98 14.69 -36.35
CA LYS G 178 -32.67 14.71 -36.98
C LYS G 178 -31.61 13.90 -36.24
N ILE G 179 -31.97 13.15 -35.20
CA ILE G 179 -31.01 12.34 -34.47
C ILE G 179 -30.45 11.27 -35.40
N LYS G 180 -29.13 11.25 -35.58
CA LYS G 180 -28.49 10.27 -36.44
C LYS G 180 -27.50 9.44 -35.65
N ALA G 181 -27.11 8.30 -36.22
CA ALA G 181 -26.15 7.40 -35.60
C ALA G 181 -25.70 6.40 -36.65
N GLU G 182 -24.58 5.74 -36.36
CA GLU G 182 -24.04 4.79 -37.32
C GLU G 182 -23.06 3.84 -36.63
N LEU G 183 -22.89 2.68 -37.25
CA LEU G 183 -21.98 1.64 -36.78
C LEU G 183 -21.09 1.19 -37.94
N LYS G 184 -19.79 1.17 -37.70
CA LYS G 184 -18.85 0.66 -38.69
C LYS G 184 -17.59 0.18 -38.00
N ASN G 185 -17.07 -0.96 -38.46
CA ASN G 185 -15.86 -1.58 -37.93
C ASN G 185 -15.92 -1.72 -36.41
N GLY G 186 -17.09 -2.12 -35.91
CA GLY G 186 -17.28 -2.27 -34.49
C GLY G 186 -17.23 -0.97 -33.72
N VAL G 187 -17.70 0.13 -34.33
CA VAL G 187 -17.64 1.45 -33.73
C VAL G 187 -18.99 2.12 -33.88
N LEU G 188 -19.62 2.47 -32.77
CA LEU G 188 -20.87 3.21 -32.77
C LEU G 188 -20.63 4.69 -32.54
N PHE G 189 -21.51 5.51 -33.11
CA PHE G 189 -21.43 6.94 -32.85
C PHE G 189 -22.76 7.61 -33.17
N ILE G 190 -23.17 8.51 -32.28
CA ILE G 190 -24.48 9.15 -32.34
C ILE G 190 -24.30 10.65 -32.39
N THR G 191 -24.89 11.28 -33.40
CA THR G 191 -24.91 12.72 -33.58
C THR G 191 -26.30 13.23 -33.26
N ILE G 192 -26.38 14.29 -32.47
CA ILE G 192 -27.68 14.79 -32.01
C ILE G 192 -27.64 16.31 -31.93
N PRO G 193 -28.78 16.95 -32.20
CA PRO G 193 -28.80 18.41 -32.29
C PRO G 193 -28.52 19.09 -30.95
N LYS G 194 -27.80 20.22 -31.04
CA LYS G 194 -27.60 21.07 -29.88
C LYS G 194 -28.89 21.83 -29.56
N THR G 195 -28.88 22.54 -28.44
CA THR G 195 -30.01 23.33 -27.96
C THR G 195 -29.66 24.81 -28.10
N LYS G 196 -30.55 25.69 -27.63
CA LYS G 196 -30.50 27.12 -27.91
C LYS G 196 -30.48 27.93 -26.61
N VAL G 197 -29.59 27.54 -25.71
CA VAL G 197 -29.44 28.14 -24.38
C VAL G 197 -28.86 29.55 -24.52
N GLU G 198 -28.83 30.31 -23.43
CA GLU G 198 -28.27 31.66 -23.34
C GLU G 198 -29.07 32.68 -24.14
N ARG G 199 -30.33 32.89 -23.76
CA ARG G 199 -31.12 34.00 -24.27
C ARG G 199 -31.05 35.24 -23.39
N LYS G 200 -30.47 35.14 -22.19
CA LYS G 200 -30.41 36.24 -21.24
C LYS G 200 -29.37 35.92 -20.18
N VAL G 201 -28.70 36.97 -19.67
CA VAL G 201 -27.66 36.80 -18.67
C VAL G 201 -27.46 38.11 -17.94
N ILE G 202 -26.88 38.04 -16.73
CA ILE G 202 -26.48 39.18 -15.92
C ILE G 202 -25.12 38.88 -15.32
N ASP G 203 -24.33 39.92 -15.10
CA ASP G 203 -22.94 39.80 -14.69
C ASP G 203 -22.71 40.44 -13.32
N VAL G 204 -21.42 40.51 -12.94
CA VAL G 204 -21.05 41.02 -11.62
C VAL G 204 -21.48 42.47 -11.44
N GLN G 205 -21.72 42.83 -10.18
CA GLN G 205 -21.83 44.21 -9.72
C GLN G 205 -21.08 44.37 -8.40
N ILE G 206 -19.87 43.81 -8.35
CA ILE G 206 -19.11 43.64 -7.12
C ILE G 206 -18.91 44.95 -6.37
N GLN G 207 -19.01 46.06 -7.09
CA GLN G 207 -18.74 47.42 -6.58
C GLN G 207 -17.61 47.46 -5.55
N ALA H 107 11.50 -27.20 2.06
CA ALA H 107 11.86 -26.57 0.81
C ALA H 107 11.29 -27.34 -0.38
N PRO H 108 10.61 -26.62 -1.28
CA PRO H 108 9.88 -27.28 -2.37
C PRO H 108 10.71 -28.14 -3.31
N TRP H 109 11.71 -27.56 -4.00
CA TRP H 109 12.38 -28.28 -5.06
C TRP H 109 13.86 -27.87 -5.15
N ASP H 110 14.60 -28.66 -5.91
CA ASP H 110 15.96 -28.32 -6.32
C ASP H 110 16.10 -28.67 -7.80
N ILE H 111 16.84 -27.82 -8.51
CA ILE H 111 17.13 -28.02 -9.93
C ILE H 111 18.54 -27.50 -10.19
N LYS H 112 19.45 -28.40 -10.58
CA LYS H 112 20.82 -27.92 -10.71
C LYS H 112 21.69 -28.89 -11.52
N GLU H 113 22.68 -28.31 -12.19
CA GLU H 113 23.83 -29.03 -12.72
C GLU H 113 24.72 -29.47 -11.57
N GLU H 114 24.84 -30.77 -11.37
CA GLU H 114 25.75 -31.31 -10.36
C GLU H 114 27.17 -31.34 -10.93
N GLU H 115 28.07 -32.06 -10.27
CA GLU H 115 29.44 -32.13 -10.75
C GLU H 115 29.56 -32.80 -12.11
N HIS H 116 28.57 -33.62 -12.49
CA HIS H 116 28.68 -34.34 -13.77
C HIS H 116 27.39 -34.40 -14.59
N GLU H 117 26.24 -34.03 -14.06
CA GLU H 117 24.98 -34.28 -14.76
C GLU H 117 23.99 -33.17 -14.41
N ILE H 118 22.71 -33.41 -14.73
CA ILE H 118 21.62 -32.49 -14.40
C ILE H 118 20.65 -33.22 -13.50
N LYS H 119 20.11 -32.52 -12.50
CA LYS H 119 19.26 -33.17 -11.51
C LYS H 119 18.09 -32.28 -11.12
N MET H 120 16.90 -32.89 -11.09
CA MET H 120 15.72 -32.27 -10.51
C MET H 120 15.28 -33.08 -9.29
N ARG H 121 14.60 -32.39 -8.38
CA ARG H 121 14.02 -33.03 -7.21
C ARG H 121 12.84 -32.21 -6.73
N PHE H 122 11.69 -32.87 -6.58
CA PHE H 122 10.50 -32.26 -6.00
C PHE H 122 9.84 -33.29 -5.10
N ASP H 123 8.63 -33.01 -4.65
CA ASP H 123 8.02 -33.78 -3.58
C ASP H 123 6.52 -33.58 -3.59
N MET H 124 5.81 -34.59 -3.11
CA MET H 124 4.36 -34.53 -3.14
C MET H 124 3.78 -35.48 -2.10
N PRO H 125 3.04 -34.96 -1.12
CA PRO H 125 2.36 -35.83 -0.17
C PRO H 125 1.37 -36.75 -0.86
N GLY H 126 1.13 -37.89 -0.23
CA GLY H 126 0.11 -38.81 -0.73
C GLY H 126 0.53 -39.59 -1.97
N LEU H 127 0.94 -38.87 -3.02
CA LEU H 127 1.32 -39.48 -4.28
C LEU H 127 2.30 -40.62 -4.08
N SER H 128 1.87 -41.82 -4.46
CA SER H 128 2.69 -43.02 -4.40
C SER H 128 3.19 -43.37 -5.79
N LYS H 129 3.78 -44.56 -5.93
CA LYS H 129 4.41 -45.01 -7.16
C LYS H 129 3.43 -45.21 -8.32
N GLU H 130 2.15 -44.89 -8.15
CA GLU H 130 1.15 -45.19 -9.16
C GLU H 130 0.86 -44.00 -10.06
N ASP H 131 0.51 -42.85 -9.48
CA ASP H 131 0.01 -41.71 -10.24
C ASP H 131 1.12 -40.90 -10.92
N VAL H 132 2.30 -41.46 -11.06
CA VAL H 132 3.43 -40.74 -11.64
C VAL H 132 3.59 -41.11 -13.10
N LYS H 133 3.85 -40.11 -13.94
CA LYS H 133 4.17 -40.33 -15.34
C LYS H 133 5.10 -39.20 -15.79
N ILE H 134 5.89 -39.48 -16.82
CA ILE H 134 6.65 -38.45 -17.50
C ILE H 134 6.46 -38.61 -18.99
N SER H 135 7.11 -37.73 -19.75
CA SER H 135 7.08 -37.81 -21.20
C SER H 135 8.25 -37.01 -21.73
N VAL H 136 8.84 -37.51 -22.81
CA VAL H 136 10.02 -36.92 -23.42
C VAL H 136 9.65 -36.39 -24.79
N GLU H 137 10.57 -35.65 -25.37
CA GLU H 137 10.40 -35.02 -26.67
C GLU H 137 11.77 -35.00 -27.34
N ASP H 138 11.93 -34.18 -28.39
CA ASP H 138 13.25 -33.99 -28.96
C ASP H 138 14.21 -33.42 -27.92
N ASN H 139 13.77 -32.39 -27.18
CA ASN H 139 14.55 -31.86 -26.08
C ASN H 139 13.70 -31.47 -24.88
N VAL H 140 12.40 -31.73 -24.90
CA VAL H 140 11.48 -31.28 -23.87
C VAL H 140 11.10 -32.44 -22.97
N LEU H 141 11.26 -32.26 -21.67
CA LEU H 141 10.74 -33.18 -20.67
C LEU H 141 9.49 -32.58 -20.07
N VAL H 142 8.52 -33.43 -19.72
CA VAL H 142 7.34 -33.00 -19.00
C VAL H 142 6.97 -34.06 -17.98
N ILE H 143 6.48 -33.61 -16.83
CA ILE H 143 6.08 -34.50 -15.75
C ILE H 143 4.58 -34.36 -15.54
N LYS H 144 3.92 -35.49 -15.32
CA LYS H 144 2.48 -35.52 -15.09
C LYS H 144 2.23 -36.39 -13.86
N GLY H 145 2.00 -35.72 -12.73
CA GLY H 145 1.46 -36.38 -11.57
C GLY H 145 0.02 -35.93 -11.42
N GLU H 146 -0.82 -36.76 -10.83
CA GLU H 146 -2.23 -36.44 -10.69
C GLU H 146 -2.70 -37.01 -9.35
N GLN H 147 -4.00 -36.92 -9.11
CA GLN H 147 -4.57 -37.30 -7.82
C GLN H 147 -5.33 -38.61 -7.96
N LYS H 148 -4.71 -39.71 -7.55
CA LYS H 148 -5.41 -40.96 -7.33
C LYS H 148 -5.92 -41.07 -5.90
N LYS H 149 -6.18 -39.94 -5.25
CA LYS H 149 -6.76 -39.97 -3.92
C LYS H 149 -8.27 -40.15 -4.06
N GLU H 150 -8.66 -41.15 -4.85
CA GLU H 150 -10.05 -41.54 -4.99
C GLU H 150 -10.20 -43.05 -5.07
N ASP H 151 -9.14 -43.81 -4.80
CA ASP H 151 -9.15 -45.26 -4.98
C ASP H 151 -9.22 -46.04 -3.68
N SER H 152 -8.97 -45.40 -2.53
CA SER H 152 -9.15 -46.08 -1.26
C SER H 152 -10.51 -45.79 -0.64
N ASP H 153 -10.77 -44.54 -0.29
CA ASP H 153 -12.07 -44.00 0.12
C ASP H 153 -11.84 -42.53 0.43
N ASP H 154 -12.92 -41.75 0.42
CA ASP H 154 -12.79 -40.39 0.91
C ASP H 154 -12.87 -40.36 2.43
N SER H 155 -14.05 -40.61 2.98
CA SER H 155 -14.29 -40.57 4.43
C SER H 155 -13.54 -39.43 5.09
N TRP H 156 -13.52 -38.27 4.46
CA TRP H 156 -12.58 -37.22 4.86
C TRP H 156 -13.10 -35.86 4.41
N SER H 157 -12.42 -34.83 4.89
CA SER H 157 -12.62 -33.45 4.44
C SER H 157 -11.39 -32.91 3.72
N GLY H 158 -10.23 -32.98 4.36
CA GLY H 158 -9.02 -32.38 3.82
C GLY H 158 -8.31 -33.21 2.78
N ARG H 159 -9.07 -33.80 1.86
CA ARG H 159 -8.46 -34.43 0.69
C ARG H 159 -7.68 -33.39 -0.10
N SER H 160 -6.46 -33.74 -0.47
CA SER H 160 -5.58 -32.83 -1.20
C SER H 160 -5.63 -33.14 -2.69
N VAL H 161 -5.87 -32.11 -3.50
CA VAL H 161 -5.92 -32.22 -4.96
C VAL H 161 -5.32 -30.94 -5.54
N SER H 162 -4.38 -31.10 -6.48
CA SER H 162 -3.75 -29.95 -7.11
C SER H 162 -3.19 -30.38 -8.46
N SER H 163 -2.38 -29.52 -9.08
CA SER H 163 -1.76 -29.79 -10.37
C SER H 163 -0.27 -30.00 -10.19
N TYR H 164 0.27 -30.99 -10.90
CA TYR H 164 1.62 -31.46 -10.62
C TYR H 164 2.52 -31.48 -11.86
N GLY H 165 1.94 -31.71 -13.04
CA GLY H 165 2.75 -31.71 -14.25
C GLY H 165 3.47 -30.40 -14.46
N THR H 166 4.64 -30.48 -15.08
CA THR H 166 5.51 -29.32 -15.22
C THR H 166 6.49 -29.56 -16.36
N ARG H 167 7.04 -28.46 -16.88
CA ARG H 167 7.91 -28.42 -18.04
C ARG H 167 9.37 -28.73 -17.68
N LEU H 168 10.18 -28.88 -18.72
CA LEU H 168 11.63 -28.80 -18.66
C LEU H 168 12.18 -28.82 -20.08
N GLN H 169 13.32 -28.17 -20.27
CA GLN H 169 14.09 -28.24 -21.51
C GLN H 169 15.54 -28.50 -21.17
N LEU H 170 16.16 -29.42 -21.89
CA LEU H 170 17.58 -29.62 -21.64
C LEU H 170 18.40 -28.83 -22.65
N PRO H 171 19.61 -28.38 -22.29
CA PRO H 171 20.46 -27.69 -23.25
C PRO H 171 20.61 -28.41 -24.58
N ASP H 172 21.13 -29.63 -24.55
CA ASP H 172 21.20 -30.50 -25.73
C ASP H 172 20.03 -31.48 -25.68
N ASN H 173 19.64 -31.98 -26.85
CA ASN H 173 18.55 -32.94 -26.95
C ASN H 173 18.73 -34.06 -25.93
N CYS H 174 17.65 -34.35 -25.21
CA CYS H 174 17.73 -35.23 -24.05
C CYS H 174 18.14 -36.64 -24.46
N GLU H 175 19.33 -37.06 -24.04
CA GLU H 175 19.75 -38.43 -24.24
C GLU H 175 18.88 -39.33 -23.35
N LYS H 176 18.32 -40.38 -23.94
CA LYS H 176 17.16 -41.04 -23.36
C LYS H 176 17.50 -42.27 -22.52
N ASP H 177 18.55 -43.02 -22.88
CA ASP H 177 18.76 -44.32 -22.27
C ASP H 177 19.02 -44.22 -20.77
N LYS H 178 20.12 -43.56 -20.39
CA LYS H 178 20.57 -43.54 -19.00
C LYS H 178 19.75 -42.62 -18.10
N ILE H 179 18.64 -42.05 -18.59
CA ILE H 179 17.81 -41.19 -17.76
C ILE H 179 17.22 -42.02 -16.63
N LYS H 180 17.47 -41.59 -15.39
CA LYS H 180 16.95 -42.30 -14.23
C LYS H 180 16.09 -41.37 -13.39
N ALA H 181 15.28 -41.97 -12.51
CA ALA H 181 14.40 -41.23 -11.63
C ALA H 181 13.89 -42.17 -10.57
N GLU H 182 13.38 -41.59 -9.48
CA GLU H 182 12.89 -42.42 -8.39
C GLU H 182 11.97 -41.62 -7.49
N LEU H 183 11.10 -42.34 -6.79
CA LEU H 183 10.14 -41.79 -5.84
C LEU H 183 10.24 -42.52 -4.51
N LYS H 184 10.37 -41.75 -3.43
CA LYS H 184 10.38 -42.33 -2.10
C LYS H 184 9.91 -41.29 -1.09
N ASN H 185 9.08 -41.74 -0.14
CA ASN H 185 8.54 -40.89 0.92
C ASN H 185 7.90 -39.63 0.35
N GLY H 186 7.17 -39.80 -0.74
CA GLY H 186 6.53 -38.67 -1.38
C GLY H 186 7.49 -37.68 -2.00
N VAL H 187 8.63 -38.17 -2.50
CA VAL H 187 9.68 -37.30 -3.05
C VAL H 187 10.13 -37.84 -4.40
N LEU H 188 9.96 -37.04 -5.44
CA LEU H 188 10.44 -37.39 -6.77
C LEU H 188 11.79 -36.77 -7.07
N PHE H 189 12.59 -37.46 -7.88
CA PHE H 189 13.86 -36.90 -8.30
C PHE H 189 14.36 -37.59 -9.56
N ILE H 190 14.84 -36.79 -10.51
CA ILE H 190 15.23 -37.25 -11.83
C ILE H 190 16.67 -36.87 -12.09
N THR H 191 17.48 -37.87 -12.43
CA THR H 191 18.89 -37.70 -12.78
C THR H 191 19.02 -37.90 -14.28
N ILE H 192 19.73 -36.99 -14.95
CA ILE H 192 19.84 -37.03 -16.41
C ILE H 192 21.23 -36.60 -16.83
N PRO H 193 21.72 -37.18 -17.94
CA PRO H 193 23.10 -36.93 -18.34
C PRO H 193 23.34 -35.48 -18.77
N LYS H 194 24.53 -34.98 -18.44
CA LYS H 194 24.98 -33.69 -18.93
C LYS H 194 25.36 -33.80 -20.40
N THR H 195 25.66 -32.65 -21.00
CA THR H 195 26.05 -32.52 -22.39
C THR H 195 27.53 -32.16 -22.46
N LYS H 196 28.03 -31.94 -23.68
CA LYS H 196 29.48 -31.82 -23.95
C LYS H 196 29.79 -30.49 -24.63
N VAL H 197 29.28 -29.41 -24.05
CA VAL H 197 29.43 -28.06 -24.57
C VAL H 197 30.88 -27.61 -24.41
N GLU H 198 31.23 -26.45 -25.00
CA GLU H 198 32.55 -25.83 -24.93
C GLU H 198 33.63 -26.62 -25.64
N ARG H 199 33.49 -26.79 -26.95
CA ARG H 199 34.55 -27.32 -27.79
C ARG H 199 35.42 -26.23 -28.41
N LYS H 200 35.04 -24.96 -28.29
CA LYS H 200 35.76 -23.85 -28.90
C LYS H 200 35.29 -22.55 -28.27
N VAL H 201 36.20 -21.58 -28.17
CA VAL H 201 35.89 -20.30 -27.55
C VAL H 201 36.90 -19.26 -28.03
N ILE H 202 36.53 -17.98 -27.92
CA ILE H 202 37.39 -16.84 -28.19
C ILE H 202 37.14 -15.79 -27.12
N ASP H 203 38.16 -15.02 -26.79
CA ASP H 203 38.15 -14.09 -25.67
C ASP H 203 38.33 -12.64 -26.15
N VAL H 204 38.48 -11.74 -25.17
CA VAL H 204 38.59 -10.31 -25.47
C VAL H 204 39.80 -10.01 -26.33
N GLN H 205 39.68 -8.93 -27.10
CA GLN H 205 40.79 -8.26 -27.77
C GLN H 205 40.62 -6.75 -27.63
N ILE H 206 40.30 -6.31 -26.41
CA ILE H 206 39.85 -4.94 -26.13
C ILE H 206 40.86 -3.91 -26.60
N GLN H 207 42.12 -4.31 -26.75
CA GLN H 207 43.25 -3.44 -27.08
C GLN H 207 43.14 -2.04 -26.47
N ALA I 107 16.27 -2.80 25.14
CA ALA I 107 15.31 -3.88 24.96
C ALA I 107 14.25 -3.85 26.06
N PRO I 108 12.97 -3.89 25.67
CA PRO I 108 11.88 -3.71 26.65
C PRO I 108 11.83 -4.71 27.79
N TRP I 109 11.68 -6.00 27.50
CA TRP I 109 11.40 -6.97 28.55
C TRP I 109 12.04 -8.32 28.24
N ASP I 110 12.05 -9.17 29.26
CA ASP I 110 12.39 -10.58 29.12
C ASP I 110 11.39 -11.39 29.94
N ILE I 111 10.99 -12.54 29.40
CA ILE I 111 10.09 -13.47 30.07
C ILE I 111 10.53 -14.88 29.71
N LYS I 112 10.97 -15.66 30.71
CA LYS I 112 11.48 -16.97 30.34
C LYS I 112 11.58 -17.90 31.55
N GLU I 113 11.44 -19.18 31.24
CA GLU I 113 11.84 -20.27 32.13
C GLU I 113 13.36 -20.34 32.19
N GLU I 114 13.94 -20.06 33.35
CA GLU I 114 15.38 -20.20 33.54
C GLU I 114 15.72 -21.66 33.80
N GLU I 115 16.93 -21.93 34.28
CA GLU I 115 17.32 -23.31 34.55
C GLU I 115 16.48 -23.96 35.64
N HIS I 116 15.85 -23.17 36.52
CA HIS I 116 15.10 -23.76 37.62
C HIS I 116 13.77 -23.10 37.92
N GLU I 117 13.44 -21.93 37.37
CA GLU I 117 12.26 -21.19 37.80
C GLU I 117 11.69 -20.42 36.61
N ILE I 118 10.80 -19.46 36.91
CA ILE I 118 10.21 -18.58 35.90
C ILE I 118 10.59 -17.15 36.27
N LYS I 119 10.90 -16.33 35.25
CA LYS I 119 11.39 -14.99 35.51
C LYS I 119 10.81 -13.99 34.51
N MET I 120 10.34 -12.87 35.03
CA MET I 120 9.99 -11.71 34.23
C MET I 120 10.92 -10.55 34.57
N ARG I 121 11.09 -9.66 33.60
CA ARG I 121 11.87 -8.45 33.79
C ARG I 121 11.37 -7.39 32.82
N PHE I 122 11.05 -6.22 33.37
CA PHE I 122 10.68 -5.05 32.56
C PHE I 122 11.31 -3.83 33.23
N ASP I 123 10.91 -2.65 32.77
CA ASP I 123 11.63 -1.44 33.13
C ASP I 123 10.74 -0.23 32.90
N MET I 124 11.00 0.82 33.67
CA MET I 124 10.16 2.00 33.58
C MET I 124 10.91 3.21 34.11
N PRO I 125 11.15 4.22 33.27
CA PRO I 125 11.76 5.46 33.75
C PRO I 125 10.91 6.12 34.83
N GLY I 126 11.57 6.88 35.69
CA GLY I 126 10.87 7.65 36.69
C GLY I 126 10.33 6.84 37.85
N LEU I 127 9.53 5.82 37.53
CA LEU I 127 8.90 4.98 38.54
C LEU I 127 9.90 4.50 39.58
N SER I 128 9.69 4.91 40.82
CA SER I 128 10.50 4.50 41.95
C SER I 128 9.77 3.44 42.76
N LYS I 129 10.30 3.12 43.95
CA LYS I 129 9.79 2.05 44.80
C LYS I 129 8.40 2.32 45.35
N GLU I 130 7.74 3.41 44.96
CA GLU I 130 6.46 3.80 45.55
C GLU I 130 5.27 3.33 44.72
N ASP I 131 5.24 3.68 43.43
CA ASP I 131 4.06 3.48 42.59
C ASP I 131 3.91 2.04 42.11
N VAL I 132 4.61 1.09 42.71
CA VAL I 132 4.58 -0.29 42.25
C VAL I 132 3.61 -1.11 43.10
N LYS I 133 2.82 -1.94 42.44
CA LYS I 133 1.95 -2.89 43.12
C LYS I 133 1.81 -4.13 42.25
N ILE I 134 1.50 -5.25 42.88
CA ILE I 134 1.11 -6.45 42.16
C ILE I 134 -0.14 -7.03 42.80
N SER I 135 -0.61 -8.13 42.24
CA SER I 135 -1.75 -8.84 42.79
C SER I 135 -1.74 -10.26 42.25
N VAL I 136 -2.14 -11.19 43.11
CA VAL I 136 -2.12 -12.60 42.78
C VAL I 136 -3.55 -13.11 42.74
N GLU I 137 -3.71 -14.33 42.25
CA GLU I 137 -5.00 -14.98 42.09
C GLU I 137 -4.77 -16.47 42.33
N ASP I 138 -5.73 -17.29 41.92
CA ASP I 138 -5.51 -18.73 41.97
C ASP I 138 -4.31 -19.12 41.11
N ASN I 139 -4.25 -18.58 39.88
CA ASN I 139 -3.08 -18.79 39.03
C ASN I 139 -2.70 -17.54 38.25
N VAL I 140 -3.37 -16.42 38.46
CA VAL I 140 -3.18 -15.21 37.66
C VAL I 140 -2.37 -14.20 38.45
N LEU I 141 -1.30 -13.71 37.84
CA LEU I 141 -0.55 -12.57 38.36
C LEU I 141 -0.92 -11.33 37.56
N VAL I 142 -0.95 -10.19 38.22
CA VAL I 142 -1.16 -8.91 37.53
C VAL I 142 -0.26 -7.87 38.18
N ILE I 143 0.26 -6.96 37.36
CA ILE I 143 1.13 -5.89 37.82
C ILE I 143 0.43 -4.57 37.59
N LYS I 144 0.54 -3.66 38.57
CA LYS I 144 -0.06 -2.34 38.47
C LYS I 144 1.00 -1.32 38.86
N GLY I 145 1.60 -0.70 37.86
CA GLY I 145 2.39 0.50 38.06
C GLY I 145 1.60 1.67 37.55
N GLU I 146 1.82 2.85 38.13
CA GLU I 146 1.07 4.03 37.73
C GLU I 146 2.02 5.21 37.80
N GLN I 147 1.47 6.41 37.61
CA GLN I 147 2.28 7.63 37.52
C GLN I 147 2.08 8.46 38.78
N LYS I 148 3.05 8.37 39.69
CA LYS I 148 3.17 9.33 40.78
C LYS I 148 4.04 10.51 40.40
N LYS I 149 4.12 10.83 39.10
CA LYS I 149 4.86 12.00 38.66
C LYS I 149 3.98 13.23 38.84
N GLU I 150 3.40 13.35 40.04
CA GLU I 150 2.62 14.52 40.41
C GLU I 150 2.87 14.92 41.86
N ASP I 151 3.88 14.33 42.52
CA ASP I 151 4.11 14.54 43.93
C ASP I 151 5.31 15.42 44.23
N SER I 152 6.19 15.67 43.25
CA SER I 152 7.29 16.61 43.46
C SER I 152 6.93 18.01 42.95
N ASP I 153 6.73 18.14 41.64
CA ASP I 153 6.20 19.32 40.97
C ASP I 153 6.19 19.00 39.48
N ASP I 154 5.37 19.73 38.72
CA ASP I 154 5.47 19.58 37.27
C ASP I 154 6.63 20.42 36.73
N SER I 155 6.48 21.75 36.76
CA SER I 155 7.48 22.68 36.23
C SER I 155 8.11 22.17 34.95
N TRP I 156 7.31 21.58 34.06
CA TRP I 156 7.86 20.78 32.98
C TRP I 156 6.87 20.71 31.83
N SER I 157 7.35 20.17 30.72
CA SER I 157 6.52 19.82 29.56
C SER I 157 6.48 18.32 29.32
N GLY I 158 7.64 17.69 29.21
CA GLY I 158 7.71 16.28 28.86
C GLY I 158 7.51 15.33 30.01
N ARG I 159 6.51 15.61 30.86
CA ARG I 159 6.10 14.64 31.86
C ARG I 159 5.63 13.36 31.16
N SER I 160 6.10 12.22 31.65
CA SER I 160 5.76 10.94 31.05
C SER I 160 4.65 10.28 31.84
N VAL I 161 3.59 9.86 31.15
CA VAL I 161 2.44 9.17 31.73
C VAL I 161 1.98 8.11 30.74
N SER I 162 1.79 6.88 31.22
CA SER I 162 1.32 5.78 30.37
C SER I 162 0.69 4.72 31.26
N SER I 163 0.42 3.56 30.67
CA SER I 163 -0.19 2.44 31.37
C SER I 163 0.83 1.33 31.56
N TYR I 164 0.83 0.71 32.73
CA TYR I 164 1.91 -0.18 33.12
C TYR I 164 1.43 -1.55 33.59
N GLY I 165 0.24 -1.63 34.17
CA GLY I 165 -0.27 -2.92 34.61
C GLY I 165 -0.38 -3.90 33.46
N THR I 166 -0.21 -5.18 33.78
CA THR I 166 -0.14 -6.22 32.75
C THR I 166 -0.45 -7.57 33.40
N ARG I 167 -0.85 -8.51 32.54
CA ARG I 167 -1.29 -9.85 32.91
C ARG I 167 -0.13 -10.80 33.12
N LEU I 168 -0.46 -11.99 33.64
CA LEU I 168 0.36 -13.19 33.59
C LEU I 168 -0.45 -14.37 34.09
N GLN I 169 -0.13 -15.55 33.58
CA GLN I 169 -0.68 -16.80 34.07
C GLN I 169 0.46 -17.80 34.24
N LEU I 170 0.47 -18.49 35.37
CA LEU I 170 1.50 -19.50 35.52
C LEU I 170 0.95 -20.87 35.14
N PRO I 171 1.78 -21.77 34.63
CA PRO I 171 1.30 -23.14 34.32
C PRO I 171 0.53 -23.79 35.45
N ASP I 172 1.16 -23.95 36.60
CA ASP I 172 0.50 -24.43 37.80
C ASP I 172 0.15 -23.23 38.68
N ASN I 173 -0.85 -23.41 39.54
CA ASN I 173 -1.28 -22.35 40.44
C ASN I 173 -0.08 -21.74 41.16
N CYS I 174 -0.03 -20.41 41.17
CA CYS I 174 1.18 -19.71 41.62
C CYS I 174 1.44 -19.97 43.09
N GLU I 175 2.54 -20.66 43.37
CA GLU I 175 2.99 -20.82 44.75
C GLU I 175 3.45 -19.46 45.27
N LYS I 176 2.95 -19.08 46.44
CA LYS I 176 2.95 -17.68 46.84
C LYS I 176 4.12 -17.28 47.72
N ASP I 177 4.62 -18.18 48.57
CA ASP I 177 5.56 -17.78 49.61
C ASP I 177 6.87 -17.25 49.02
N LYS I 178 7.59 -18.10 48.30
CA LYS I 178 8.93 -17.78 47.83
C LYS I 178 8.95 -16.82 46.64
N ILE I 179 7.80 -16.27 46.23
CA ILE I 179 7.78 -15.33 45.12
C ILE I 179 8.57 -14.08 45.49
N LYS I 180 9.57 -13.75 44.69
CA LYS I 180 10.39 -12.57 44.95
C LYS I 180 10.33 -11.62 43.78
N ALA I 181 10.73 -10.37 44.03
CA ALA I 181 10.75 -9.34 43.01
C ALA I 181 11.57 -8.18 43.53
N GLU I 182 11.99 -7.31 42.60
CA GLU I 182 12.81 -6.17 43.00
C GLU I 182 12.79 -5.10 41.92
N LEU I 183 13.07 -3.87 42.34
CA LEU I 183 13.13 -2.70 41.48
C LEU I 183 14.44 -1.96 41.72
N LYS I 184 15.16 -1.67 40.64
CA LYS I 184 16.37 -0.87 40.73
C LYS I 184 16.63 -0.18 39.41
N ASN I 185 17.05 1.09 39.49
CA ASN I 185 17.37 1.91 38.32
C ASN I 185 16.23 1.88 37.31
N GLY I 186 15.00 1.98 37.82
CA GLY I 186 13.85 1.94 36.95
C GLY I 186 13.63 0.62 36.25
N VAL I 187 13.98 -0.49 36.90
CA VAL I 187 13.90 -1.81 36.31
C VAL I 187 13.28 -2.75 37.34
N LEU I 188 12.14 -3.34 36.99
CA LEU I 188 11.50 -4.33 37.85
C LEU I 188 11.78 -5.72 37.32
N PHE I 189 11.78 -6.70 38.23
CA PHE I 189 11.93 -8.08 37.80
C PHE I 189 11.40 -8.99 38.89
N ILE I 190 10.71 -10.04 38.46
CA ILE I 190 9.99 -10.94 39.35
C ILE I 190 10.49 -12.37 39.11
N THR I 191 10.94 -13.01 40.19
CA THR I 191 11.38 -14.40 40.19
C THR I 191 10.31 -15.23 40.88
N ILE I 192 9.94 -16.36 40.28
CA ILE I 192 8.85 -17.18 40.81
C ILE I 192 9.17 -18.65 40.59
N PRO I 193 8.72 -19.49 41.51
CA PRO I 193 9.09 -20.92 41.44
C PRO I 193 8.50 -21.63 40.23
N LYS I 194 9.30 -22.56 39.69
CA LYS I 194 8.81 -23.45 38.64
C LYS I 194 7.88 -24.50 39.25
N THR I 195 7.26 -25.29 38.37
CA THR I 195 6.35 -26.36 38.74
C THR I 195 7.01 -27.70 38.46
N LYS I 196 6.27 -28.79 38.66
CA LYS I 196 6.81 -30.15 38.69
C LYS I 196 6.10 -31.03 37.67
N VAL I 197 5.98 -30.54 36.44
CA VAL I 197 5.30 -31.21 35.34
C VAL I 197 6.10 -32.43 34.90
N GLU I 198 5.52 -33.26 34.02
CA GLU I 198 6.14 -34.45 33.46
C GLU I 198 6.39 -35.55 34.47
N ARG I 199 5.32 -36.07 35.06
CA ARG I 199 5.38 -37.29 35.87
C ARG I 199 5.09 -38.55 35.07
N LYS I 200 4.62 -38.42 33.83
CA LYS I 200 4.25 -39.57 33.01
C LYS I 200 4.13 -39.12 31.56
N VAL I 201 4.46 -40.03 30.64
CA VAL I 201 4.43 -39.72 29.21
C VAL I 201 4.34 -41.02 28.42
N ILE I 202 3.87 -40.92 27.17
CA ILE I 202 3.83 -42.02 26.22
C ILE I 202 4.27 -41.46 24.86
N ASP I 203 4.88 -42.33 24.05
CA ASP I 203 5.52 -41.92 22.80
C ASP I 203 4.86 -42.61 21.60
N VAL I 204 5.47 -42.43 20.43
CA VAL I 204 4.92 -42.96 19.18
C VAL I 204 4.82 -44.47 19.23
N GLN I 205 3.86 -44.99 18.46
CA GLN I 205 3.76 -46.40 18.08
C GLN I 205 3.39 -46.50 16.61
N ILE I 206 4.05 -45.70 15.77
CA ILE I 206 3.66 -45.46 14.39
C ILE I 206 3.57 -46.76 13.59
N GLN I 207 4.25 -47.80 14.06
CA GLN I 207 4.38 -49.09 13.38
C GLN I 207 4.43 -48.98 11.85
N ALA J 107 28.95 0.33 -5.53
CA ALA J 107 28.60 1.28 -4.47
C ALA J 107 28.92 2.71 -4.90
N PRO J 108 27.94 3.61 -4.75
CA PRO J 108 28.09 4.97 -5.28
C PRO J 108 29.26 5.78 -4.73
N TRP J 109 29.32 6.02 -3.42
CA TRP J 109 30.30 6.96 -2.88
C TRP J 109 30.76 6.53 -1.51
N ASP J 110 31.84 7.18 -1.05
CA ASP J 110 32.30 7.12 0.32
C ASP J 110 32.66 8.52 0.78
N ILE J 111 32.36 8.82 2.03
CA ILE J 111 32.67 10.10 2.66
C ILE J 111 33.03 9.83 4.12
N LYS J 112 34.28 10.09 4.51
CA LYS J 112 34.64 9.73 5.87
C LYS J 112 35.92 10.43 6.33
N GLU J 113 35.97 10.66 7.64
CA GLU J 113 37.21 10.95 8.36
C GLU J 113 38.07 9.70 8.42
N GLU J 114 39.23 9.74 7.76
CA GLU J 114 40.18 8.64 7.84
C GLU J 114 40.99 8.77 9.14
N GLU J 115 42.09 8.03 9.24
CA GLU J 115 42.91 8.09 10.44
C GLU J 115 43.53 9.47 10.66
N HIS J 116 43.66 10.28 9.61
CA HIS J 116 44.31 11.58 9.76
C HIS J 116 43.65 12.74 9.02
N GLU J 117 42.71 12.50 8.12
CA GLU J 117 42.21 13.58 7.26
C GLU J 117 40.74 13.32 6.93
N ILE J 118 40.23 14.02 5.93
CA ILE J 118 38.87 13.86 5.43
C ILE J 118 38.94 13.44 3.96
N LYS J 119 38.06 12.53 3.56
CA LYS J 119 38.14 11.97 2.23
C LYS J 119 36.75 11.78 1.63
N MET J 120 36.60 12.21 0.38
CA MET J 120 35.44 11.88 -0.43
C MET J 120 35.87 11.03 -1.62
N ARG J 121 34.93 10.23 -2.12
CA ARG J 121 35.15 9.43 -3.31
C ARG J 121 33.81 9.17 -3.97
N PHE J 122 33.73 9.49 -5.27
CA PHE J 122 32.57 9.18 -6.08
C PHE J 122 33.07 8.73 -7.45
N ASP J 123 32.15 8.61 -8.41
CA ASP J 123 32.48 7.93 -9.66
C ASP J 123 31.47 8.33 -10.72
N MET J 124 31.93 8.30 -11.97
CA MET J 124 31.07 8.72 -13.06
C MET J 124 31.55 8.11 -14.36
N PRO J 125 30.71 7.30 -15.02
CA PRO J 125 31.07 6.78 -16.34
C PRO J 125 31.28 7.90 -17.34
N GLY J 126 32.10 7.62 -18.34
CA GLY J 126 32.30 8.56 -19.42
C GLY J 126 33.17 9.74 -19.07
N LEU J 127 32.80 10.46 -18.02
CA LEU J 127 33.51 11.66 -17.59
C LEU J 127 35.00 11.41 -17.48
N SER J 128 35.77 12.13 -18.30
CA SER J 128 37.22 12.07 -18.30
C SER J 128 37.78 13.31 -17.60
N LYS J 129 39.10 13.49 -17.71
CA LYS J 129 39.82 14.55 -17.02
C LYS J 129 39.45 15.96 -17.47
N GLU J 130 38.46 16.11 -18.37
CA GLU J 130 38.15 17.40 -18.96
C GLU J 130 36.99 18.10 -18.26
N ASP J 131 35.84 17.43 -18.13
CA ASP J 131 34.62 18.05 -17.67
C ASP J 131 34.56 18.22 -16.16
N VAL J 132 35.68 18.12 -15.46
CA VAL J 132 35.70 18.18 -14.01
C VAL J 132 36.09 19.59 -13.56
N LYS J 133 35.39 20.09 -12.54
CA LYS J 133 35.74 21.36 -11.91
C LYS J 133 35.33 21.29 -10.45
N ILE J 134 35.99 22.07 -9.61
CA ILE J 134 35.55 22.28 -8.25
C ILE J 134 35.57 23.77 -7.95
N SER J 135 35.19 24.12 -6.74
CA SER J 135 35.23 25.50 -6.28
C SER J 135 35.21 25.50 -4.76
N VAL J 136 35.95 26.44 -4.19
CA VAL J 136 36.11 26.54 -2.75
C VAL J 136 35.45 27.84 -2.28
N GLU J 137 35.34 27.96 -0.97
CA GLU J 137 34.71 29.10 -0.32
C GLU J 137 35.46 29.33 0.99
N ASP J 138 34.86 30.10 1.90
CA ASP J 138 35.42 30.22 3.23
C ASP J 138 35.48 28.85 3.92
N ASN J 139 34.38 28.09 3.83
CA ASN J 139 34.38 26.73 4.34
C ASN J 139 33.59 25.77 3.45
N VAL J 140 33.09 26.22 2.30
CA VAL J 140 32.21 25.43 1.46
C VAL J 140 32.97 24.93 0.24
N LEU J 141 32.91 23.63 0.01
CA LEU J 141 33.40 23.02 -1.23
C LEU J 141 32.21 22.70 -2.11
N VAL J 142 32.39 22.83 -3.42
CA VAL J 142 31.36 22.42 -4.37
C VAL J 142 32.07 21.77 -5.56
N ILE J 143 31.42 20.75 -6.12
CA ILE J 143 31.94 20.03 -7.27
C ILE J 143 31.00 20.25 -8.45
N LYS J 144 31.58 20.45 -9.62
CA LYS J 144 30.81 20.66 -10.84
C LYS J 144 31.39 19.75 -11.92
N GLY J 145 30.72 18.63 -12.15
CA GLY J 145 30.97 17.82 -13.32
C GLY J 145 29.80 18.02 -14.26
N GLU J 146 30.04 17.87 -15.56
CA GLU J 146 28.99 18.08 -16.54
C GLU J 146 29.21 17.08 -17.66
N GLN J 147 28.42 17.21 -18.73
CA GLN J 147 28.42 16.25 -19.82
C GLN J 147 29.09 16.88 -21.04
N LYS J 148 30.35 16.52 -21.27
CA LYS J 148 31.02 16.77 -22.53
C LYS J 148 30.83 15.61 -23.50
N LYS J 149 29.74 14.84 -23.34
CA LYS J 149 29.44 13.77 -24.28
C LYS J 149 28.78 14.36 -25.51
N GLU J 150 29.39 15.41 -26.05
CA GLU J 150 28.93 16.04 -27.29
C GLU J 150 30.12 16.46 -28.15
N ASP J 151 31.34 16.03 -27.81
CA ASP J 151 32.53 16.50 -28.50
C ASP J 151 33.15 15.46 -29.42
N SER J 152 32.77 14.18 -29.30
CA SER J 152 33.24 13.17 -30.23
C SER J 152 32.24 12.94 -31.37
N ASP J 153 31.06 12.44 -31.04
CA ASP J 153 29.90 12.33 -31.92
C ASP J 153 28.80 11.67 -31.10
N ASP J 154 27.55 11.85 -31.54
CA ASP J 154 26.49 11.08 -30.91
C ASP J 154 26.43 9.67 -31.48
N SER J 155 26.00 9.54 -32.73
CA SER J 155 25.83 8.26 -33.41
C SER J 155 25.29 7.19 -32.48
N TRP J 156 24.34 7.55 -31.62
CA TRP J 156 23.98 6.70 -30.49
C TRP J 156 22.56 6.99 -30.05
N SER J 157 22.08 6.14 -29.14
CA SER J 157 20.83 6.35 -28.43
C SER J 157 21.03 6.55 -26.93
N GLY J 158 21.75 5.64 -26.29
CA GLY J 158 21.92 5.68 -24.85
C GLY J 158 22.99 6.61 -24.35
N ARG J 159 23.06 7.81 -24.93
CA ARG J 159 23.92 8.84 -24.37
C ARG J 159 23.48 9.16 -22.94
N SER J 160 24.45 9.22 -22.03
CA SER J 160 24.16 9.46 -20.63
C SER J 160 24.39 10.94 -20.30
N VAL J 161 23.39 11.56 -19.67
CA VAL J 161 23.45 12.96 -19.26
C VAL J 161 22.72 13.08 -17.92
N SER J 162 23.36 13.71 -16.94
CA SER J 162 22.75 13.90 -15.62
C SER J 162 23.42 15.09 -14.94
N SER J 163 23.15 15.26 -13.66
CA SER J 163 23.70 16.34 -12.86
C SER J 163 24.71 15.78 -11.86
N TYR J 164 25.83 16.48 -11.70
CA TYR J 164 26.98 15.93 -10.98
C TYR J 164 27.48 16.83 -9.86
N GLY J 165 27.34 18.15 -10.01
CA GLY J 165 27.78 19.05 -8.96
C GLY J 165 27.09 18.76 -7.64
N THR J 166 27.81 19.03 -6.55
CA THR J 166 27.32 18.67 -5.23
C THR J 166 28.05 19.51 -4.18
N ARG J 167 27.44 19.62 -3.01
CA ARG J 167 27.88 20.45 -1.90
C ARG J 167 28.94 19.74 -1.04
N LEU J 168 29.51 20.51 -0.12
CA LEU J 168 30.26 20.02 1.04
C LEU J 168 30.57 21.20 1.95
N GLN J 169 30.66 20.90 3.24
CA GLN J 169 31.13 21.85 4.24
C GLN J 169 32.15 21.17 5.13
N LEU J 170 33.26 21.85 5.38
CA LEU J 170 34.21 21.24 6.30
C LEU J 170 34.00 21.80 7.70
N PRO J 171 34.30 21.01 8.74
CA PRO J 171 34.18 21.53 10.12
C PRO J 171 34.86 22.88 10.33
N ASP J 172 36.17 22.94 10.09
CA ASP J 172 36.92 24.19 10.11
C ASP J 172 37.09 24.68 8.68
N ASN J 173 37.29 25.99 8.53
CA ASN J 173 37.48 26.58 7.21
C ASN J 173 38.52 25.80 6.41
N CYS J 174 38.17 25.49 5.16
CA CYS J 174 38.96 24.57 4.37
C CYS J 174 40.35 25.11 4.10
N GLU J 175 41.36 24.45 4.66
CA GLU J 175 42.74 24.79 4.35
C GLU J 175 43.01 24.39 2.91
N LYS J 176 43.57 25.31 2.14
CA LYS J 176 43.48 25.24 0.68
C LYS J 176 44.69 24.59 0.02
N ASP J 177 45.89 24.77 0.58
CA ASP J 177 47.12 24.39 -0.14
C ASP J 177 47.18 22.89 -0.41
N LYS J 178 47.23 22.10 0.64
CA LYS J 178 47.48 20.66 0.51
C LYS J 178 46.26 19.87 0.04
N ILE J 179 45.17 20.54 -0.36
CA ILE J 179 43.99 19.83 -0.85
C ILE J 179 44.36 19.11 -2.14
N LYS J 180 44.16 17.79 -2.17
CA LYS J 180 44.46 16.99 -3.34
C LYS J 180 43.22 16.27 -3.83
N ALA J 181 43.27 15.80 -5.07
CA ALA J 181 42.17 15.09 -5.69
C ALA J 181 42.68 14.42 -6.96
N GLU J 182 41.92 13.44 -7.43
CA GLU J 182 42.35 12.73 -8.63
C GLU J 182 41.15 12.00 -9.25
N LEU J 183 41.30 11.73 -10.55
CA LEU J 183 40.30 11.03 -11.35
C LEU J 183 40.98 9.88 -12.11
N LYS J 184 40.41 8.69 -11.99
CA LYS J 184 40.90 7.54 -12.75
C LYS J 184 39.78 6.54 -12.94
N ASN J 185 39.71 5.97 -14.15
CA ASN J 185 38.71 4.97 -14.51
C ASN J 185 37.30 5.44 -14.16
N GLY J 186 37.03 6.71 -14.43
CA GLY J 186 35.73 7.27 -14.12
C GLY J 186 35.44 7.38 -12.64
N VAL J 187 36.46 7.62 -11.82
CA VAL J 187 36.32 7.66 -10.37
C VAL J 187 37.04 8.89 -9.83
N LEU J 188 36.30 9.76 -9.17
CA LEU J 188 36.86 10.93 -8.53
C LEU J 188 37.06 10.70 -7.05
N PHE J 189 38.07 11.36 -6.49
CA PHE J 189 38.27 11.29 -5.05
C PHE J 189 39.13 12.44 -4.58
N ILE J 190 38.71 13.03 -3.46
CA ILE J 190 39.31 14.25 -2.93
C ILE J 190 39.79 13.99 -1.50
N THR J 191 41.07 14.27 -1.27
CA THR J 191 41.70 14.17 0.04
C THR J 191 41.93 15.58 0.56
N ILE J 192 41.58 15.81 1.82
CA ILE J 192 41.66 17.16 2.39
C ILE J 192 42.06 17.07 3.86
N PRO J 193 42.81 18.07 4.33
CA PRO J 193 43.36 18.00 5.69
C PRO J 193 42.30 18.05 6.77
N LYS J 194 42.53 17.29 7.84
CA LYS J 194 41.70 17.35 9.02
C LYS J 194 41.99 18.65 9.79
N THR J 195 41.20 18.89 10.81
CA THR J 195 41.31 20.07 11.68
C THR J 195 41.82 19.63 13.05
N LYS J 196 41.91 20.58 13.98
CA LYS J 196 42.61 20.39 15.26
C LYS J 196 41.68 20.67 16.44
N VAL J 197 40.49 20.06 16.40
CA VAL J 197 39.44 20.24 17.39
C VAL J 197 39.87 19.58 18.70
N GLU J 198 39.10 19.80 19.78
CA GLU J 198 39.31 19.22 21.11
C GLU J 198 40.57 19.73 21.79
N ARG J 199 40.62 21.03 22.06
CA ARG J 199 41.65 21.62 22.91
C ARG J 199 41.22 21.73 24.36
N LYS J 200 39.95 21.48 24.67
CA LYS J 200 39.42 21.61 26.03
C LYS J 200 38.08 20.92 26.12
N VAL J 201 37.77 20.36 27.29
CA VAL J 201 36.53 19.62 27.49
C VAL J 201 36.23 19.56 28.99
N ILE J 202 34.96 19.33 29.31
CA ILE J 202 34.49 19.10 30.68
C ILE J 202 33.48 17.96 30.64
N ASP J 203 33.40 17.21 31.73
CA ASP J 203 32.62 15.97 31.80
C ASP J 203 31.51 16.09 32.85
N VAL J 204 30.85 14.95 33.10
CA VAL J 204 29.72 14.91 34.01
C VAL J 204 30.13 15.31 35.43
N GLN J 205 29.16 15.85 36.16
CA GLN J 205 29.21 16.03 37.61
C GLN J 205 27.87 15.63 38.21
N ILE J 206 27.32 14.51 37.76
CA ILE J 206 25.94 14.10 38.02
C ILE J 206 25.63 14.04 39.50
N GLN J 207 26.66 13.90 40.33
CA GLN J 207 26.56 13.71 41.78
C GLN J 207 25.34 12.89 42.20
N ALA K 107 -14.00 -9.03 -24.55
CA ALA K 107 -12.75 -9.75 -24.33
C ALA K 107 -11.77 -9.48 -25.48
N PRO K 108 -10.53 -9.11 -25.13
CA PRO K 108 -9.57 -8.66 -26.15
C PRO K 108 -9.21 -9.68 -27.22
N TRP K 109 -8.67 -10.84 -26.84
CA TRP K 109 -8.13 -11.76 -27.85
C TRP K 109 -8.31 -13.20 -27.42
N ASP K 110 -8.08 -14.10 -28.38
CA ASP K 110 -7.95 -15.53 -28.13
C ASP K 110 -6.77 -16.06 -28.92
N ILE K 111 -6.03 -16.99 -28.33
CA ILE K 111 -4.90 -17.64 -28.96
C ILE K 111 -4.87 -19.09 -28.49
N LYS K 112 -5.07 -20.03 -29.42
CA LYS K 112 -5.15 -21.41 -28.95
C LYS K 112 -4.97 -22.41 -30.07
N GLU K 113 -4.43 -23.57 -29.69
CA GLU K 113 -4.49 -24.80 -30.49
C GLU K 113 -5.92 -25.32 -30.49
N GLU K 114 -6.57 -25.33 -31.65
CA GLU K 114 -7.90 -25.90 -31.79
C GLU K 114 -7.77 -27.42 -31.93
N GLU K 115 -8.85 -28.08 -32.35
CA GLU K 115 -8.81 -29.52 -32.51
C GLU K 115 -7.82 -29.97 -33.58
N HIS K 116 -7.47 -29.10 -34.53
CA HIS K 116 -6.59 -29.51 -35.61
C HIS K 116 -5.52 -28.50 -36.01
N GLU K 117 -5.56 -27.25 -35.53
CA GLU K 117 -4.67 -26.23 -36.06
C GLU K 117 -4.36 -25.22 -34.95
N ILE K 118 -3.81 -24.06 -35.34
CA ILE K 118 -3.51 -22.97 -34.42
C ILE K 118 -4.31 -21.76 -34.86
N LYS K 119 -4.83 -21.00 -33.90
CA LYS K 119 -5.72 -19.90 -34.23
C LYS K 119 -5.47 -18.71 -33.32
N MET K 120 -5.37 -17.52 -33.94
CA MET K 120 -5.39 -16.25 -33.23
C MET K 120 -6.63 -15.46 -33.61
N ARG K 121 -7.05 -14.60 -32.70
CA ARG K 121 -8.17 -13.70 -32.95
C ARG K 121 -8.02 -12.47 -32.08
N PHE K 122 -8.07 -11.29 -32.71
CA PHE K 122 -8.07 -10.02 -32.00
C PHE K 122 -9.05 -9.10 -32.72
N ASP K 123 -9.03 -7.82 -32.36
CA ASP K 123 -10.09 -6.92 -32.77
C ASP K 123 -9.62 -5.49 -32.66
N MET K 124 -10.18 -4.63 -33.49
CA MET K 124 -9.76 -3.25 -33.50
C MET K 124 -10.85 -2.37 -34.09
N PRO K 125 -11.37 -1.42 -33.31
CA PRO K 125 -12.34 -0.47 -33.86
C PRO K 125 -11.75 0.34 -35.00
N GLY K 126 -12.62 0.80 -35.90
CA GLY K 126 -12.19 1.67 -36.97
C GLY K 126 -11.45 0.97 -38.09
N LEU K 127 -10.37 0.27 -37.73
CA LEU K 127 -9.51 -0.41 -38.70
C LEU K 127 -10.33 -1.25 -39.67
N SER K 128 -10.27 -0.89 -40.94
CA SER K 128 -10.94 -1.61 -42.02
C SER K 128 -9.93 -2.46 -42.78
N LYS K 129 -10.35 -3.00 -43.92
CA LYS K 129 -9.55 -3.92 -44.72
C LYS K 129 -8.31 -3.29 -45.32
N GLU K 130 -8.01 -2.02 -45.03
CA GLU K 130 -6.92 -1.31 -45.69
C GLU K 130 -5.64 -1.32 -44.87
N ASP K 131 -5.69 -0.88 -43.62
CA ASP K 131 -4.50 -0.66 -42.81
C ASP K 131 -3.92 -1.94 -42.22
N VAL K 132 -4.29 -3.10 -42.73
CA VAL K 132 -3.84 -4.37 -42.18
C VAL K 132 -2.67 -4.90 -43.01
N LYS K 133 -1.65 -5.42 -42.32
CA LYS K 133 -0.54 -6.10 -42.97
C LYS K 133 -0.01 -7.16 -42.02
N ILE K 134 0.62 -8.18 -42.57
CA ILE K 134 1.36 -9.15 -41.79
C ILE K 134 2.72 -9.36 -42.43
N SER K 135 3.51 -10.23 -41.81
CA SER K 135 4.81 -10.58 -42.35
C SER K 135 5.24 -11.90 -41.72
N VAL K 136 5.89 -12.72 -42.53
CA VAL K 136 6.32 -14.04 -42.10
C VAL K 136 7.84 -14.07 -42.07
N GLU K 137 8.37 -15.16 -41.51
CA GLU K 137 9.79 -15.37 -41.35
C GLU K 137 10.04 -16.87 -41.49
N ASP K 138 11.21 -17.33 -41.04
CA ASP K 138 11.43 -18.77 -40.98
C ASP K 138 10.43 -19.44 -40.05
N ASN K 139 10.20 -18.86 -38.87
CA ASN K 139 9.17 -19.34 -37.98
C ASN K 139 8.44 -18.22 -37.25
N VAL K 140 8.72 -16.96 -37.58
CA VAL K 140 8.19 -15.81 -36.85
C VAL K 140 7.09 -15.16 -37.68
N LEU K 141 5.93 -14.97 -37.07
CA LEU K 141 4.86 -14.16 -37.64
C LEU K 141 4.85 -12.82 -36.94
N VAL K 142 4.52 -11.76 -37.67
CA VAL K 142 4.32 -10.44 -37.09
C VAL K 142 3.14 -9.78 -37.78
N ILE K 143 2.39 -9.01 -37.01
CA ILE K 143 1.22 -8.30 -37.50
C ILE K 143 1.48 -6.81 -37.38
N LYS K 144 1.09 -6.06 -38.41
CA LYS K 144 1.26 -4.61 -38.43
C LYS K 144 -0.08 -4.00 -38.86
N GLY K 145 -0.82 -3.51 -37.88
CA GLY K 145 -1.94 -2.64 -38.14
C GLY K 145 -1.54 -1.24 -37.74
N GLU K 146 -2.13 -0.23 -38.38
CA GLU K 146 -1.77 1.14 -38.09
C GLU K 146 -3.04 1.99 -38.21
N GLN K 147 -2.89 3.29 -38.12
CA GLN K 147 -4.02 4.21 -38.08
C GLN K 147 -4.11 4.96 -39.40
N LYS K 148 -5.02 4.52 -40.27
CA LYS K 148 -5.43 5.31 -41.42
C LYS K 148 -6.63 6.18 -41.09
N LYS K 149 -6.79 6.57 -39.82
CA LYS K 149 -7.84 7.49 -39.43
C LYS K 149 -7.38 8.90 -39.73
N GLU K 150 -6.89 9.11 -40.95
CA GLU K 150 -6.50 10.43 -41.43
C GLU K 150 -6.89 10.61 -42.89
N ASP K 151 -7.66 9.70 -43.47
CA ASP K 151 -7.96 9.72 -44.89
C ASP K 151 -9.38 10.18 -45.21
N SER K 152 -10.29 10.22 -44.23
CA SER K 152 -11.62 10.76 -44.45
C SER K 152 -11.70 12.23 -44.05
N ASP K 153 -11.54 12.52 -42.76
CA ASP K 153 -11.40 13.85 -42.19
C ASP K 153 -11.26 13.66 -40.69
N ASP K 154 -10.70 14.66 -40.01
CA ASP K 154 -10.73 14.60 -38.55
C ASP K 154 -12.09 15.08 -38.03
N SER K 155 -12.35 16.38 -38.15
CA SER K 155 -13.58 17.00 -37.65
C SER K 155 -14.02 16.42 -36.31
N TRP K 156 -13.06 16.16 -35.42
CA TRP K 156 -13.34 15.33 -34.26
C TRP K 156 -12.35 15.65 -33.15
N SER K 157 -12.63 15.08 -31.98
CA SER K 157 -11.72 15.08 -30.85
C SER K 157 -11.22 13.69 -30.50
N GLY K 158 -12.13 12.74 -30.31
CA GLY K 158 -11.77 11.42 -29.86
C GLY K 158 -11.28 10.48 -30.95
N ARG K 159 -10.44 10.99 -31.84
CA ARG K 159 -9.75 10.12 -32.79
C ARG K 159 -8.91 9.11 -32.03
N SER K 160 -9.01 7.84 -32.41
CA SER K 160 -8.29 6.76 -31.75
C SER K 160 -7.03 6.43 -32.53
N VAL K 161 -5.89 6.40 -31.84
CA VAL K 161 -4.60 6.06 -32.41
C VAL K 161 -3.81 5.27 -31.37
N SER K 162 -3.27 4.12 -31.77
CA SER K 162 -2.48 3.29 -30.87
C SER K 162 -1.55 2.41 -31.70
N SER K 163 -0.93 1.43 -31.04
CA SER K 163 -0.01 0.50 -31.68
C SER K 163 -0.65 -0.89 -31.76
N TYR K 164 -0.47 -1.55 -32.90
CA TYR K 164 -1.23 -2.76 -33.19
C TYR K 164 -0.36 -3.96 -33.56
N GLY K 165 0.79 -3.70 -34.18
CA GLY K 165 1.67 -4.80 -34.55
C GLY K 165 2.09 -5.62 -33.35
N THR K 166 2.32 -6.91 -33.57
CA THR K 166 2.58 -7.83 -32.47
C THR K 166 3.28 -9.07 -33.02
N ARG K 167 3.96 -9.79 -32.13
CA ARG K 167 4.80 -10.94 -32.42
C ARG K 167 3.98 -12.22 -32.52
N LEU K 168 4.65 -13.29 -32.97
CA LEU K 168 4.24 -14.67 -32.81
C LEU K 168 5.37 -15.58 -33.27
N GLN K 169 5.44 -16.76 -32.65
CA GLN K 169 6.34 -17.81 -33.09
C GLN K 169 5.56 -19.12 -33.15
N LEU K 170 5.74 -19.87 -34.22
CA LEU K 170 5.07 -21.15 -34.27
C LEU K 170 6.02 -22.26 -33.81
N PRO K 171 5.51 -23.33 -33.21
CA PRO K 171 6.39 -24.45 -32.82
C PRO K 171 7.32 -24.91 -33.93
N ASP K 172 6.75 -25.35 -35.05
CA ASP K 172 7.51 -25.70 -36.24
C ASP K 172 7.47 -24.52 -37.22
N ASN K 173 8.47 -24.44 -38.09
CA ASN K 173 8.53 -23.37 -39.08
C ASN K 173 7.20 -23.22 -39.79
N CYS K 174 6.74 -21.98 -39.89
CA CYS K 174 5.38 -21.70 -40.35
C CYS K 174 5.18 -22.14 -41.79
N GLU K 175 4.35 -23.16 -41.99
CA GLU K 175 3.95 -23.56 -43.33
C GLU K 175 3.10 -22.45 -43.92
N LYS K 176 3.45 -22.02 -45.13
CA LYS K 176 3.01 -20.73 -45.63
C LYS K 176 1.76 -20.76 -46.50
N ASP K 177 1.55 -21.84 -47.27
CA ASP K 177 0.52 -21.82 -48.30
C ASP K 177 -0.87 -21.67 -47.69
N LYS K 178 -1.30 -22.65 -46.90
CA LYS K 178 -2.66 -22.72 -46.41
C LYS K 178 -2.96 -21.72 -45.29
N ILE K 179 -2.04 -20.82 -44.96
CA ILE K 179 -2.29 -19.84 -43.90
C ILE K 179 -3.43 -18.92 -44.35
N LYS K 180 -4.48 -18.85 -43.54
CA LYS K 180 -5.62 -18.01 -43.85
C LYS K 180 -5.85 -16.99 -42.74
N ALA K 181 -6.62 -15.96 -43.06
CA ALA K 181 -6.94 -14.90 -42.11
C ALA K 181 -8.08 -14.08 -42.68
N GLU K 182 -8.74 -13.32 -41.81
CA GLU K 182 -9.87 -12.52 -42.26
C GLU K 182 -10.17 -11.42 -41.25
N LEU K 183 -10.82 -10.37 -41.75
CA LEU K 183 -11.23 -9.22 -40.97
C LEU K 183 -12.71 -8.93 -41.21
N LYS K 184 -13.46 -8.79 -40.14
CA LYS K 184 -14.86 -8.41 -40.23
C LYS K 184 -15.31 -7.73 -38.96
N ASN K 185 -16.10 -6.67 -39.11
CA ASN K 185 -16.64 -5.90 -37.99
C ASN K 185 -15.53 -5.49 -37.01
N GLY K 186 -14.40 -5.08 -37.57
CA GLY K 186 -13.29 -4.68 -36.74
C GLY K 186 -12.66 -5.82 -35.97
N VAL K 187 -12.66 -7.02 -36.52
CA VAL K 187 -12.16 -8.21 -35.84
C VAL K 187 -11.31 -8.99 -36.82
N LEU K 188 -10.04 -9.18 -36.48
CA LEU K 188 -9.13 -9.99 -37.29
C LEU K 188 -8.96 -11.35 -36.65
N PHE K 189 -8.68 -12.35 -37.49
CA PHE K 189 -8.39 -13.67 -36.97
C PHE K 189 -7.62 -14.46 -38.01
N ILE K 190 -6.63 -15.22 -37.54
CA ILE K 190 -5.68 -15.92 -38.39
C ILE K 190 -5.71 -17.40 -38.04
N THR K 191 -5.95 -18.23 -39.05
CA THR K 191 -5.94 -19.68 -38.94
C THR K 191 -4.69 -20.20 -39.61
N ILE K 192 -3.98 -21.11 -38.95
CA ILE K 192 -2.70 -21.60 -39.45
C ILE K 192 -2.54 -23.06 -39.11
N PRO K 193 -1.87 -23.81 -39.99
CA PRO K 193 -1.78 -25.27 -39.82
C PRO K 193 -0.99 -25.68 -38.59
N LYS K 194 -1.45 -26.75 -37.95
CA LYS K 194 -0.71 -27.37 -36.86
C LYS K 194 0.50 -28.13 -37.42
N THR K 195 1.34 -28.63 -36.52
CA THR K 195 2.54 -29.38 -36.84
C THR K 195 2.32 -30.85 -36.45
N LYS K 196 3.37 -31.66 -36.60
CA LYS K 196 3.25 -33.12 -36.52
C LYS K 196 4.21 -33.66 -35.47
N VAL K 197 4.19 -33.07 -34.28
CA VAL K 197 5.07 -33.41 -33.17
C VAL K 197 4.67 -34.78 -32.62
N GLU K 198 5.49 -35.33 -31.71
CA GLU K 198 5.28 -36.60 -31.03
C GLU K 198 5.37 -37.81 -31.96
N ARG K 199 6.54 -38.01 -32.55
CA ARG K 199 6.84 -39.25 -33.27
C ARG K 199 7.53 -40.30 -32.40
N LYS K 200 7.94 -39.94 -31.19
CA LYS K 200 8.66 -40.85 -30.31
C LYS K 200 8.65 -40.29 -28.89
N VAL K 201 8.62 -41.18 -27.90
CA VAL K 201 8.57 -40.77 -26.50
C VAL K 201 9.06 -41.92 -25.63
N ILE K 202 9.49 -41.58 -24.40
CA ILE K 202 9.87 -42.54 -23.37
C ILE K 202 9.31 -42.04 -22.05
N ASP K 203 9.00 -42.99 -21.16
CA ASP K 203 8.28 -42.71 -19.92
C ASP K 203 9.14 -43.06 -18.70
N VAL K 204 8.51 -42.99 -17.53
CA VAL K 204 9.20 -43.23 -16.27
C VAL K 204 9.77 -44.65 -16.20
N GLN K 205 10.86 -44.79 -15.44
CA GLN K 205 11.38 -46.07 -14.97
C GLN K 205 11.79 -45.93 -13.51
N ILE K 206 10.91 -45.31 -12.71
CA ILE K 206 11.23 -44.86 -11.35
C ILE K 206 11.73 -46.01 -10.48
N GLN K 207 11.39 -47.24 -10.85
CA GLN K 207 11.66 -48.46 -10.07
C GLN K 207 11.60 -48.25 -8.56
N ALA L 107 -2.83 -29.20 -0.17
CA ALA L 107 -3.38 -28.63 1.06
C ALA L 107 -2.60 -29.14 2.28
N PRO L 108 -2.18 -28.21 3.14
CA PRO L 108 -1.29 -28.57 4.26
C PRO L 108 -1.86 -29.58 5.25
N TRP L 109 -2.97 -29.29 5.90
CA TRP L 109 -3.41 -30.12 7.01
C TRP L 109 -4.94 -30.16 7.09
N ASP L 110 -5.43 -31.09 7.90
CA ASP L 110 -6.83 -31.16 8.30
C ASP L 110 -6.88 -31.45 9.79
N ILE L 111 -7.83 -30.83 10.47
CA ILE L 111 -8.06 -31.03 11.91
C ILE L 111 -9.57 -30.94 12.14
N LYS L 112 -10.18 -32.04 12.58
CA LYS L 112 -11.63 -31.99 12.69
C LYS L 112 -12.17 -33.13 13.56
N GLU L 113 -13.30 -32.82 14.21
CA GLU L 113 -14.19 -33.82 14.79
C GLU L 113 -14.91 -34.57 13.66
N GLU L 114 -14.63 -35.86 13.52
CA GLU L 114 -15.33 -36.70 12.55
C GLU L 114 -16.67 -37.11 13.14
N GLU L 115 -17.32 -38.10 12.52
CA GLU L 115 -18.62 -38.56 13.01
C GLU L 115 -18.54 -39.16 14.41
N HIS L 116 -17.36 -39.63 14.83
CA HIS L 116 -17.26 -40.28 16.14
C HIS L 116 -16.03 -39.91 16.95
N GLU L 117 -15.02 -39.25 16.40
CA GLU L 117 -13.75 -39.08 17.11
C GLU L 117 -13.13 -37.75 16.69
N ILE L 118 -11.85 -37.57 17.01
CA ILE L 118 -11.07 -36.39 16.63
C ILE L 118 -9.91 -36.85 15.75
N LYS L 119 -9.60 -36.07 14.71
CA LYS L 119 -8.59 -36.49 13.75
C LYS L 119 -7.74 -35.32 13.32
N MET L 120 -6.42 -35.53 13.31
CA MET L 120 -5.47 -34.64 12.69
C MET L 120 -4.79 -35.33 11.50
N ARG L 121 -4.34 -34.53 10.56
CA ARG L 121 -3.60 -35.02 9.42
C ARG L 121 -2.70 -33.92 8.88
N PHE L 122 -1.41 -34.22 8.77
CA PHE L 122 -0.45 -33.32 8.15
C PHE L 122 0.50 -34.15 7.29
N ASP L 123 1.58 -33.54 6.83
CA ASP L 123 2.39 -34.15 5.80
C ASP L 123 3.77 -33.52 5.78
N MET L 124 4.75 -34.30 5.36
CA MET L 124 6.12 -33.80 5.36
C MET L 124 6.96 -34.59 4.37
N PRO L 125 7.52 -33.92 3.36
CA PRO L 125 8.43 -34.61 2.45
C PRO L 125 9.65 -35.16 3.18
N GLY L 126 10.23 -36.21 2.62
CA GLY L 126 11.46 -36.76 3.16
C GLY L 126 11.28 -37.56 4.43
N LEU L 127 10.67 -36.95 5.44
CA LEU L 127 10.48 -37.56 6.74
C LEU L 127 9.88 -38.96 6.60
N SER L 128 10.64 -39.96 7.05
CA SER L 128 10.21 -41.35 7.05
C SER L 128 9.82 -41.75 8.47
N LYS L 129 9.61 -43.05 8.67
CA LYS L 129 9.14 -43.62 9.93
C LYS L 129 10.11 -43.46 11.08
N GLU L 130 11.25 -42.78 10.89
CA GLU L 130 12.29 -42.72 11.91
C GLU L 130 12.21 -41.44 12.74
N ASP L 131 12.20 -40.28 12.10
CA ASP L 131 12.33 -39.00 12.80
C ASP L 131 11.03 -38.53 13.44
N VAL L 132 10.06 -39.40 13.62
CA VAL L 132 8.77 -39.02 14.16
C VAL L 132 8.71 -39.35 15.65
N LYS L 133 8.16 -38.42 16.44
CA LYS L 133 7.90 -38.65 17.85
C LYS L 133 6.68 -37.83 18.25
N ILE L 134 6.00 -38.28 19.29
CA ILE L 134 4.95 -37.49 19.92
C ILE L 134 5.18 -37.51 21.43
N SER L 135 4.29 -36.82 22.14
CA SER L 135 4.33 -36.80 23.59
C SER L 135 2.96 -36.37 24.09
N VAL L 136 2.55 -36.97 25.20
CA VAL L 136 1.24 -36.71 25.77
C VAL L 136 1.43 -36.03 27.12
N GLU L 137 0.32 -35.57 27.67
CA GLU L 137 0.28 -34.85 28.94
C GLU L 137 -1.04 -35.21 29.61
N ASP L 138 -1.43 -34.41 30.61
CA ASP L 138 -2.77 -34.59 31.18
C ASP L 138 -3.84 -34.38 30.12
N ASN L 139 -3.71 -33.31 29.33
CA ASN L 139 -4.62 -33.10 28.21
C ASN L 139 -3.90 -32.53 26.98
N VAL L 140 -2.58 -32.40 27.01
CA VAL L 140 -1.83 -31.75 25.95
C VAL L 140 -1.11 -32.80 25.11
N LEU L 141 -1.31 -32.73 23.80
CA LEU L 141 -0.53 -33.51 22.84
C LEU L 141 0.50 -32.60 22.21
N VAL L 142 1.67 -33.14 21.90
CA VAL L 142 2.68 -32.41 21.14
C VAL L 142 3.34 -33.37 20.18
N ILE L 143 3.70 -32.86 19.01
CA ILE L 143 4.35 -33.64 17.96
C ILE L 143 5.75 -33.08 17.75
N LYS L 144 6.71 -33.97 17.57
CA LYS L 144 8.10 -33.59 17.34
C LYS L 144 8.61 -34.39 16.14
N GLY L 145 8.63 -33.76 14.99
CA GLY L 145 9.37 -34.27 13.86
C GLY L 145 10.60 -33.43 13.67
N GLU L 146 11.66 -34.01 13.12
CA GLU L 146 12.91 -33.29 12.96
C GLU L 146 13.54 -33.76 11.65
N GLN L 147 14.75 -33.31 11.40
CA GLN L 147 15.43 -33.57 10.12
C GLN L 147 16.55 -34.58 10.33
N LYS L 148 16.28 -35.83 9.98
CA LYS L 148 17.32 -36.83 9.82
C LYS L 148 17.85 -36.87 8.40
N LYS L 149 17.77 -35.74 7.68
CA LYS L 149 18.34 -35.65 6.35
C LYS L 149 19.84 -35.39 6.48
N GLU L 150 20.50 -36.19 7.32
CA GLU L 150 21.94 -36.14 7.48
C GLU L 150 22.54 -37.52 7.64
N ASP L 151 21.75 -38.58 7.41
CA ASP L 151 22.17 -39.94 7.67
C ASP L 151 22.49 -40.73 6.41
N SER L 152 22.08 -40.26 5.23
CA SER L 152 22.46 -40.92 3.99
C SER L 152 23.68 -40.28 3.35
N ASP L 153 23.56 -39.02 2.94
CA ASP L 153 24.64 -38.14 2.50
C ASP L 153 24.00 -36.83 2.11
N ASP L 154 24.80 -35.77 2.07
CA ASP L 154 24.27 -34.53 1.51
C ASP L 154 24.34 -34.55 -0.02
N SER L 155 25.56 -34.48 -0.56
CA SER L 155 25.80 -34.45 -2.00
C SER L 155 24.75 -33.60 -2.72
N TRP L 156 24.37 -32.46 -2.15
CA TRP L 156 23.18 -31.77 -2.59
C TRP L 156 23.26 -30.30 -2.22
N SER L 157 22.30 -29.53 -2.75
CA SER L 157 22.08 -28.15 -2.37
C SER L 157 20.75 -27.95 -1.69
N GLY L 158 19.66 -28.39 -2.31
CA GLY L 158 18.33 -28.15 -1.79
C GLY L 158 17.89 -29.10 -0.69
N ARG L 159 18.78 -29.39 0.25
CA ARG L 159 18.37 -30.11 1.44
C ARG L 159 17.30 -29.31 2.19
N SER L 160 16.23 -29.98 2.59
CA SER L 160 15.13 -29.34 3.27
C SER L 160 15.25 -29.55 4.78
N VAL L 161 15.17 -28.45 5.53
CA VAL L 161 15.24 -28.46 6.99
C VAL L 161 14.28 -27.39 7.51
N SER L 162 13.43 -27.77 8.46
CA SER L 162 12.47 -26.83 9.04
C SER L 162 12.06 -27.35 10.42
N SER L 163 11.02 -26.73 10.99
CA SER L 163 10.50 -27.10 12.30
C SER L 163 9.13 -27.76 12.13
N TYR L 164 8.91 -28.82 12.91
CA TYR L 164 7.76 -29.68 12.66
C TYR L 164 6.90 -29.90 13.90
N GLY L 165 7.51 -29.89 15.09
CA GLY L 165 6.73 -30.07 16.30
C GLY L 165 5.64 -29.02 16.44
N THR L 166 4.54 -29.41 17.08
CA THR L 166 3.36 -28.56 17.16
C THR L 166 2.50 -29.02 18.33
N ARG L 167 1.65 -28.11 18.79
CA ARG L 167 0.78 -28.26 19.95
C ARG L 167 -0.51 -29.00 19.61
N LEU L 168 -1.25 -29.33 20.68
CA LEU L 168 -2.67 -29.70 20.62
C LEU L 168 -3.19 -29.81 22.05
N GLN L 169 -4.48 -29.52 22.20
CA GLN L 169 -5.20 -29.74 23.45
C GLN L 169 -6.51 -30.44 23.13
N LEU L 170 -6.83 -31.45 23.91
CA LEU L 170 -8.12 -32.09 23.68
C LEU L 170 -9.15 -31.53 24.65
N PRO L 171 -10.44 -31.47 24.27
CA PRO L 171 -11.47 -31.02 25.21
C PRO L 171 -11.40 -31.68 26.58
N ASP L 172 -11.54 -33.00 26.61
CA ASP L 172 -11.36 -33.78 27.83
C ASP L 172 -9.96 -34.38 27.83
N ASN L 173 -9.45 -34.68 29.02
CA ASN L 173 -8.12 -35.26 29.15
C ASN L 173 -7.94 -36.43 28.20
N CYS L 174 -6.83 -36.43 27.48
CA CYS L 174 -6.63 -37.36 26.38
C CYS L 174 -6.60 -38.80 26.87
N GLU L 175 -7.62 -39.57 26.47
CA GLU L 175 -7.61 -41.01 26.74
C GLU L 175 -6.51 -41.64 25.90
N LYS L 176 -5.67 -42.45 26.55
CA LYS L 176 -4.36 -42.76 25.99
C LYS L 176 -4.31 -44.08 25.21
N ASP L 177 -5.10 -45.08 25.61
CA ASP L 177 -4.91 -46.42 25.07
C ASP L 177 -5.18 -46.48 23.58
N LYS L 178 -6.41 -46.19 23.17
CA LYS L 178 -6.83 -46.38 21.78
C LYS L 178 -6.32 -45.31 20.84
N ILE L 179 -5.43 -44.42 21.29
CA ILE L 179 -4.89 -43.38 20.40
C ILE L 179 -4.07 -44.06 19.31
N LYS L 180 -4.43 -43.80 18.06
CA LYS L 180 -3.71 -44.38 16.93
C LYS L 180 -3.15 -43.28 16.04
N ALA L 181 -2.20 -43.66 15.19
CA ALA L 181 -1.57 -42.73 14.26
C ALA L 181 -0.79 -43.54 13.24
N GLU L 182 -0.46 -42.89 12.12
CA GLU L 182 0.25 -43.59 11.07
C GLU L 182 0.92 -42.59 10.13
N LEU L 183 1.96 -43.07 9.46
CA LEU L 183 2.73 -42.31 8.48
C LEU L 183 2.85 -43.09 7.19
N LYS L 184 2.51 -42.46 6.06
CA LYS L 184 2.69 -43.07 4.77
C LYS L 184 2.84 -42.00 3.71
N ASN L 185 3.76 -42.24 2.78
CA ASN L 185 4.04 -41.33 1.67
C ASN L 185 4.28 -39.90 2.16
N GLY L 186 5.02 -39.79 3.26
CA GLY L 186 5.29 -38.49 3.84
C GLY L 186 4.07 -37.80 4.41
N VAL L 187 3.12 -38.56 4.95
CA VAL L 187 1.86 -38.03 5.46
C VAL L 187 1.58 -38.61 6.84
N LEU L 188 1.49 -37.75 7.84
CA LEU L 188 1.12 -38.15 9.18
C LEU L 188 -0.36 -37.94 9.46
N PHE L 189 -0.91 -38.80 10.30
CA PHE L 189 -2.30 -38.61 10.71
C PHE L 189 -2.58 -39.35 12.01
N ILE L 190 -3.29 -38.69 12.91
CA ILE L 190 -3.53 -39.17 14.26
C ILE L 190 -5.03 -39.23 14.50
N THR L 191 -5.52 -40.40 14.90
CA THR L 191 -6.91 -40.63 15.26
C THR L 191 -6.99 -40.78 16.77
N ILE L 192 -7.94 -40.11 17.39
CA ILE L 192 -8.04 -40.09 18.85
C ILE L 192 -9.50 -40.07 19.27
N PRO L 193 -9.81 -40.72 20.40
CA PRO L 193 -11.21 -40.86 20.80
C PRO L 193 -11.87 -39.53 21.15
N LYS L 194 -13.15 -39.42 20.81
CA LYS L 194 -13.97 -38.29 21.23
C LYS L 194 -14.31 -38.43 22.71
N THR L 195 -14.94 -37.40 23.25
CA THR L 195 -15.36 -37.32 24.64
C THR L 195 -16.89 -37.42 24.70
N LYS L 196 -17.44 -37.28 25.90
CA LYS L 196 -18.85 -37.59 26.18
C LYS L 196 -19.56 -36.38 26.78
N VAL L 197 -19.39 -35.23 26.16
CA VAL L 197 -19.93 -33.94 26.61
C VAL L 197 -21.45 -33.96 26.43
N GLU L 198 -22.13 -32.94 26.96
CA GLU L 198 -23.57 -32.73 26.87
C GLU L 198 -24.38 -33.78 27.62
N ARG L 199 -24.20 -33.82 28.95
CA ARG L 199 -25.07 -34.60 29.81
C ARG L 199 -26.24 -33.79 30.38
N LYS L 200 -26.23 -32.47 30.19
CA LYS L 200 -27.26 -31.60 30.76
C LYS L 200 -27.19 -30.25 30.06
N VAL L 201 -28.35 -29.60 29.90
CA VAL L 201 -28.42 -28.31 29.22
C VAL L 201 -29.71 -27.60 29.65
N ILE L 202 -29.72 -26.28 29.48
CA ILE L 202 -30.89 -25.42 29.70
C ILE L 202 -30.95 -24.40 28.56
N ASP L 203 -32.16 -23.99 28.22
CA ASP L 203 -32.40 -23.16 27.04
C ASP L 203 -33.00 -21.81 27.44
N VAL L 204 -33.41 -21.03 26.42
CA VAL L 204 -33.93 -19.69 26.64
C VAL L 204 -35.19 -19.71 27.50
N GLN L 205 -35.41 -18.60 28.21
CA GLN L 205 -36.67 -18.27 28.85
C GLN L 205 -36.96 -16.79 28.63
N ILE L 206 -36.77 -16.33 27.39
CA ILE L 206 -36.74 -14.92 27.04
C ILE L 206 -38.01 -14.19 27.46
N GLN L 207 -39.10 -14.96 27.64
CA GLN L 207 -40.44 -14.43 27.93
C GLN L 207 -40.75 -13.10 27.25
#